data_1PYJ
# 
_entry.id   1PYJ 
# 
_audit_conform.dict_name       mmcif_pdbx.dic 
_audit_conform.dict_version    5.391 
_audit_conform.dict_location   http://mmcif.pdb.org/dictionaries/ascii/mmcif_pdbx.dic 
# 
loop_
_database_2.database_id 
_database_2.database_code 
_database_2.pdbx_database_accession 
_database_2.pdbx_DOI 
PDB   1PYJ         pdb_00001pyj 10.2210/pdb1pyj/pdb 
RCSB  RCSB019700   ?            ?                   
WWPDB D_1000019700 ?            ?                   
# 
loop_
_pdbx_audit_revision_history.ordinal 
_pdbx_audit_revision_history.data_content_type 
_pdbx_audit_revision_history.major_revision 
_pdbx_audit_revision_history.minor_revision 
_pdbx_audit_revision_history.revision_date 
1 'Structure model' 1 0 2004-04-20 
2 'Structure model' 1 1 2008-04-29 
3 'Structure model' 1 2 2011-07-13 
4 'Structure model' 1 3 2014-08-06 
5 'Structure model' 1 4 2024-05-01 
# 
_pdbx_audit_revision_details.ordinal             1 
_pdbx_audit_revision_details.revision_ordinal    1 
_pdbx_audit_revision_details.data_content_type   'Structure model' 
_pdbx_audit_revision_details.provider            repository 
_pdbx_audit_revision_details.type                'Initial release' 
_pdbx_audit_revision_details.description         ? 
_pdbx_audit_revision_details.details             ? 
# 
loop_
_pdbx_audit_revision_group.ordinal 
_pdbx_audit_revision_group.revision_ordinal 
_pdbx_audit_revision_group.data_content_type 
_pdbx_audit_revision_group.group 
1 2 'Structure model' 'Version format compliance' 
2 3 'Structure model' 'Version format compliance' 
3 4 'Structure model' 'Non-polymer description'   
4 5 'Structure model' 'Data collection'           
5 5 'Structure model' 'Database references'       
6 5 'Structure model' 'Derived calculations'      
# 
loop_
_pdbx_audit_revision_category.ordinal 
_pdbx_audit_revision_category.revision_ordinal 
_pdbx_audit_revision_category.data_content_type 
_pdbx_audit_revision_category.category 
1 5 'Structure model' chem_comp_atom    
2 5 'Structure model' chem_comp_bond    
3 5 'Structure model' database_2        
4 5 'Structure model' pdbx_nmr_software 
5 5 'Structure model' struct_conn       
# 
loop_
_pdbx_audit_revision_item.ordinal 
_pdbx_audit_revision_item.revision_ordinal 
_pdbx_audit_revision_item.data_content_type 
_pdbx_audit_revision_item.item 
1 5 'Structure model' '_database_2.pdbx_DOI'                
2 5 'Structure model' '_database_2.pdbx_database_accession' 
3 5 'Structure model' '_pdbx_nmr_software.name'             
4 5 'Structure model' '_struct_conn.pdbx_leaving_atom_flag' 
# 
_pdbx_database_status.status_code                     REL 
_pdbx_database_status.entry_id                        1PYJ 
_pdbx_database_status.recvd_initial_deposition_date   2003-07-09 
_pdbx_database_status.deposit_site                    RCSB 
_pdbx_database_status.process_site                    RCSB 
_pdbx_database_status.status_code_mr                  REL 
_pdbx_database_status.SG_entry                        . 
_pdbx_database_status.status_code_sf                  ? 
_pdbx_database_status.status_code_cs                  ? 
_pdbx_database_status.methods_development_category    ? 
_pdbx_database_status.pdb_format_compatible           Y 
_pdbx_database_status.status_code_nmr_data            ? 
# 
loop_
_audit_author.name 
_audit_author.pdbx_ordinal 
'Peterson, L.A.' 1 
'Vu, C.'         2 
'Hingerty, B.E.' 3 
'Broyde, S.'     4 
'Cosman, M.'     5 
# 
_citation.id                        primary 
_citation.title                     
;Solution structure of an O6-[4-oxo-4-(3-pyridyl)butyl]guanine adduct in an 11 mer DNA duplex: evidence for formation of a base triplex.
;
_citation.journal_abbrev            Biochemistry 
_citation.journal_volume            42 
_citation.page_first                13134 
_citation.page_last                 13144 
_citation.year                      2003 
_citation.journal_id_ASTM           BICHAW 
_citation.country                   US 
_citation.journal_id_ISSN           0006-2960 
_citation.journal_id_CSD            0033 
_citation.book_publisher            ? 
_citation.pdbx_database_id_PubMed   14609323 
_citation.pdbx_database_id_DOI      10.1021/bi035217v 
# 
loop_
_citation_author.citation_id 
_citation_author.name 
_citation_author.ordinal 
_citation_author.identifier_ORCID 
primary 'Peterson, L.A.' 1 ? 
primary 'Vu, C.'         2 ? 
primary 'Hingerty, B.E.' 3 ? 
primary 'Broyde, S.'     4 ? 
primary 'Cosman, M.'     5 ? 
# 
loop_
_entity.id 
_entity.type 
_entity.src_method 
_entity.pdbx_description 
_entity.formula_weight 
_entity.pdbx_number_of_molecules 
_entity.pdbx_ec 
_entity.pdbx_mutation 
_entity.pdbx_fragment 
_entity.details 
1 polymer syn "5'-D(*CP*CP*AP*TP*AP*TP*GP*GP*CP*CP*C)-3'" 3441.336 1 ? ? ? ? 
2 polymer syn "5'-D*GP*GP*GP*CP*CP*AP*TP*AP*TP*GP*G)-3'"  3414.234 1 ? ? ? ? 
# 
loop_
_entity_poly.entity_id 
_entity_poly.type 
_entity_poly.nstd_linkage 
_entity_poly.nstd_monomer 
_entity_poly.pdbx_seq_one_letter_code 
_entity_poly.pdbx_seq_one_letter_code_can 
_entity_poly.pdbx_strand_id 
_entity_poly.pdbx_target_identifier 
1 polydeoxyribonucleotide no yes '(DC)(DC)(DA)(DT)(DA)(DT)(XPB)(DG)(DC)(DC)(DC)' CCATATXGCCC A ? 
2 polydeoxyribonucleotide no no  '(DG)(DG)(DG)(DC)(DC)(DA)(DT)(DA)(DT)(DG)(DG)'  GGGCCATATGG B ? 
# 
loop_
_entity_poly_seq.entity_id 
_entity_poly_seq.num 
_entity_poly_seq.mon_id 
_entity_poly_seq.hetero 
1 1  DC  n 
1 2  DC  n 
1 3  DA  n 
1 4  DT  n 
1 5  DA  n 
1 6  DT  n 
1 7  XPB n 
1 8  DG  n 
1 9  DC  n 
1 10 DC  n 
1 11 DC  n 
2 1  DG  n 
2 2  DG  n 
2 3  DG  n 
2 4  DC  n 
2 5  DC  n 
2 6  DA  n 
2 7  DT  n 
2 8  DA  n 
2 9  DT  n 
2 10 DG  n 
2 11 DG  n 
# 
loop_
_chem_comp.id 
_chem_comp.type 
_chem_comp.mon_nstd_flag 
_chem_comp.name 
_chem_comp.pdbx_synonyms 
_chem_comp.formula 
_chem_comp.formula_weight 
DA  'DNA linking' y "2'-DEOXYADENOSINE-5'-MONOPHOSPHATE"                               ? 'C10 H14 N5 O6 P' 331.222 
DC  'DNA linking' y "2'-DEOXYCYTIDINE-5'-MONOPHOSPHATE"                                ? 'C9 H14 N3 O7 P'  307.197 
DG  'DNA linking' y "2'-DEOXYGUANOSINE-5'-MONOPHOSPHATE"                               ? 'C10 H14 N5 O7 P' 347.221 
DT  'DNA linking' y "THYMIDINE-5'-MONOPHOSPHATE"                                       ? 'C10 H15 N2 O8 P' 322.208 
XPB 'DNA linking' n "O6-[4-oxo-4-(3-pyridyl)butyl]-2'-deoxyguanosine-5'-monophosphate" ? 'C19 H23 N6 O8 P' 494.395 
# 
loop_
_pdbx_poly_seq_scheme.asym_id 
_pdbx_poly_seq_scheme.entity_id 
_pdbx_poly_seq_scheme.seq_id 
_pdbx_poly_seq_scheme.mon_id 
_pdbx_poly_seq_scheme.ndb_seq_num 
_pdbx_poly_seq_scheme.pdb_seq_num 
_pdbx_poly_seq_scheme.auth_seq_num 
_pdbx_poly_seq_scheme.pdb_mon_id 
_pdbx_poly_seq_scheme.auth_mon_id 
_pdbx_poly_seq_scheme.pdb_strand_id 
_pdbx_poly_seq_scheme.pdb_ins_code 
_pdbx_poly_seq_scheme.hetero 
A 1 1  DC  1  1  1  DC  C  A . n 
A 1 2  DC  2  2  2  DC  C  A . n 
A 1 3  DA  3  3  3  DA  A  A . n 
A 1 4  DT  4  4  4  DT  T  A . n 
A 1 5  DA  5  5  5  DA  A  A . n 
A 1 6  DT  6  6  6  DT  T  A . n 
A 1 7  XPB 7  7  7  XPB +G A . n 
A 1 8  DG  8  8  8  DG  G  A . n 
A 1 9  DC  9  9  9  DC  C  A . n 
A 1 10 DC  10 10 10 DC  C  A . n 
A 1 11 DC  11 11 11 DC  C  A . n 
B 2 1  DG  1  12 12 DG  G  B . n 
B 2 2  DG  2  13 13 DG  G  B . n 
B 2 3  DG  3  14 14 DG  G  B . n 
B 2 4  DC  4  15 15 DC  C  B . n 
B 2 5  DC  5  16 16 DC  C  B . n 
B 2 6  DA  6  17 17 DA  A  B . n 
B 2 7  DT  7  18 18 DT  T  B . n 
B 2 8  DA  8  19 19 DA  A  B . n 
B 2 9  DT  9  20 20 DT  T  B . n 
B 2 10 DG  10 21 21 DG  G  B . n 
B 2 11 DG  11 22 22 DG  G  B . n 
# 
_cell.entry_id           1PYJ 
_cell.length_a           1.000 
_cell.length_b           1.000 
_cell.length_c           1.000 
_cell.angle_alpha        90.00 
_cell.angle_beta         90.00 
_cell.angle_gamma        90.00 
_cell.Z_PDB              1 
_cell.pdbx_unique_axis   ? 
# 
_symmetry.entry_id                         1PYJ 
_symmetry.space_group_name_H-M             'P 1' 
_symmetry.pdbx_full_space_group_name_H-M   ? 
_symmetry.cell_setting                     ? 
_symmetry.Int_Tables_number                1 
# 
_exptl.entry_id          1PYJ 
_exptl.method            'SOLUTION NMR' 
_exptl.crystals_number   ? 
# 
_exptl_crystal.id                    1 
_exptl_crystal.density_meas          ? 
_exptl_crystal.density_Matthews      ? 
_exptl_crystal.density_percent_sol   ? 
_exptl_crystal.description           ? 
# 
_diffrn.id                     1 
_diffrn.ambient_temp           ? 
_diffrn.ambient_temp_details   ? 
_diffrn.crystal_id             1 
# 
_diffrn_radiation.diffrn_id                        1 
_diffrn_radiation.wavelength_id                    1 
_diffrn_radiation.pdbx_monochromatic_or_laue_m_l   M 
_diffrn_radiation.monochromator                    ? 
_diffrn_radiation.pdbx_diffrn_protocol             'SINGLE WAVELENGTH' 
_diffrn_radiation.pdbx_scattering_type             x-ray 
# 
_diffrn_radiation_wavelength.id           1 
_diffrn_radiation_wavelength.wavelength   . 
_diffrn_radiation_wavelength.wt           1.0 
# 
_struct.entry_id                  1PYJ 
_struct.title                     'Solution Structure of an O6-[4-oxo-4-(3-pyridyl)butyl]guanine adduct in an 11mer DNA duplex' 
_struct.pdbx_model_details        ? 
_struct.pdbx_CASP_flag            ? 
_struct.pdbx_model_type_details   'minimized average' 
# 
_struct_keywords.entry_id        1PYJ 
_struct_keywords.pdbx_keywords   DNA 
_struct_keywords.text            'DNA Adduct, DNA' 
# 
loop_
_struct_asym.id 
_struct_asym.pdbx_blank_PDB_chainid_flag 
_struct_asym.pdbx_modified 
_struct_asym.entity_id 
_struct_asym.details 
A N N 1 ? 
B N N 2 ? 
# 
loop_
_struct_ref.id 
_struct_ref.entity_id 
_struct_ref.db_name 
_struct_ref.db_code 
_struct_ref.pdbx_db_accession 
_struct_ref.pdbx_align_begin 
_struct_ref.pdbx_seq_one_letter_code 
_struct_ref.pdbx_db_isoform 
1 1 PDB 1PYJ 1PYJ 1  'CCATAT(XPB)GCCC' ? 
2 2 PDB 1PYJ 1PYJ 12 GGGCCATATGG       ? 
# 
loop_
_struct_ref_seq.align_id 
_struct_ref_seq.ref_id 
_struct_ref_seq.pdbx_PDB_id_code 
_struct_ref_seq.pdbx_strand_id 
_struct_ref_seq.seq_align_beg 
_struct_ref_seq.pdbx_seq_align_beg_ins_code 
_struct_ref_seq.seq_align_end 
_struct_ref_seq.pdbx_seq_align_end_ins_code 
_struct_ref_seq.pdbx_db_accession 
_struct_ref_seq.db_align_beg 
_struct_ref_seq.pdbx_db_align_beg_ins_code 
_struct_ref_seq.db_align_end 
_struct_ref_seq.pdbx_db_align_end_ins_code 
_struct_ref_seq.pdbx_auth_seq_align_beg 
_struct_ref_seq.pdbx_auth_seq_align_end 
1 1 1PYJ A 1 ? 11 ? 1PYJ 1  ? 11 ? 1  11 
2 2 1PYJ B 1 ? 11 ? 1PYJ 12 ? 22 ? 12 22 
# 
_pdbx_struct_assembly.id                   1 
_pdbx_struct_assembly.details              author_defined_assembly 
_pdbx_struct_assembly.method_details       ? 
_pdbx_struct_assembly.oligomeric_details   dimeric 
_pdbx_struct_assembly.oligomeric_count     2 
# 
_pdbx_struct_assembly_gen.assembly_id       1 
_pdbx_struct_assembly_gen.oper_expression   1 
_pdbx_struct_assembly_gen.asym_id_list      A,B 
# 
_pdbx_struct_oper_list.id                   1 
_pdbx_struct_oper_list.type                 'identity operation' 
_pdbx_struct_oper_list.name                 1_555 
_pdbx_struct_oper_list.symmetry_operation   x,y,z 
_pdbx_struct_oper_list.matrix[1][1]         1.0000000000 
_pdbx_struct_oper_list.matrix[1][2]         0.0000000000 
_pdbx_struct_oper_list.matrix[1][3]         0.0000000000 
_pdbx_struct_oper_list.vector[1]            0.0000000000 
_pdbx_struct_oper_list.matrix[2][1]         0.0000000000 
_pdbx_struct_oper_list.matrix[2][2]         1.0000000000 
_pdbx_struct_oper_list.matrix[2][3]         0.0000000000 
_pdbx_struct_oper_list.vector[2]            0.0000000000 
_pdbx_struct_oper_list.matrix[3][1]         0.0000000000 
_pdbx_struct_oper_list.matrix[3][2]         0.0000000000 
_pdbx_struct_oper_list.matrix[3][3]         1.0000000000 
_pdbx_struct_oper_list.vector[3]            0.0000000000 
# 
_struct_biol.id        1 
_struct_biol.details   ? 
# 
loop_
_struct_conn.id 
_struct_conn.conn_type_id 
_struct_conn.pdbx_leaving_atom_flag 
_struct_conn.pdbx_PDB_id 
_struct_conn.ptnr1_label_asym_id 
_struct_conn.ptnr1_label_comp_id 
_struct_conn.ptnr1_label_seq_id 
_struct_conn.ptnr1_label_atom_id 
_struct_conn.pdbx_ptnr1_label_alt_id 
_struct_conn.pdbx_ptnr1_PDB_ins_code 
_struct_conn.pdbx_ptnr1_standard_comp_id 
_struct_conn.ptnr1_symmetry 
_struct_conn.ptnr2_label_asym_id 
_struct_conn.ptnr2_label_comp_id 
_struct_conn.ptnr2_label_seq_id 
_struct_conn.ptnr2_label_atom_id 
_struct_conn.pdbx_ptnr2_label_alt_id 
_struct_conn.pdbx_ptnr2_PDB_ins_code 
_struct_conn.ptnr1_auth_asym_id 
_struct_conn.ptnr1_auth_comp_id 
_struct_conn.ptnr1_auth_seq_id 
_struct_conn.ptnr2_auth_asym_id 
_struct_conn.ptnr2_auth_comp_id 
_struct_conn.ptnr2_auth_seq_id 
_struct_conn.ptnr2_symmetry 
_struct_conn.pdbx_ptnr3_label_atom_id 
_struct_conn.pdbx_ptnr3_label_seq_id 
_struct_conn.pdbx_ptnr3_label_comp_id 
_struct_conn.pdbx_ptnr3_label_asym_id 
_struct_conn.pdbx_ptnr3_label_alt_id 
_struct_conn.pdbx_ptnr3_PDB_ins_code 
_struct_conn.details 
_struct_conn.pdbx_dist_value 
_struct_conn.pdbx_value_order 
_struct_conn.pdbx_role 
covale1  covale both ? A DT  6  "O3'" ? ? ? 1_555 A XPB 7  P  ? ? A DT  6  A XPB 7  1_555 ? ? ? ? ? ? ?            1.599 ? ? 
covale2  covale both ? A XPB 7  "O3'" ? ? ? 1_555 A DG  8  P  ? ? A XPB 7  A DG  8  1_555 ? ? ? ? ? ? ?            1.600 ? ? 
hydrog1  hydrog ?    ? A DC  1  N3    ? ? ? 1_555 B DG  11 N1 ? ? A DC  1  B DG  22 1_555 ? ? ? ? ? ? WATSON-CRICK ?     ? ? 
hydrog2  hydrog ?    ? A DC  1  N4    ? ? ? 1_555 B DG  11 O6 ? ? A DC  1  B DG  22 1_555 ? ? ? ? ? ? WATSON-CRICK ?     ? ? 
hydrog3  hydrog ?    ? A DC  1  O2    ? ? ? 1_555 B DG  11 N2 ? ? A DC  1  B DG  22 1_555 ? ? ? ? ? ? WATSON-CRICK ?     ? ? 
hydrog4  hydrog ?    ? A DC  2  N3    ? ? ? 1_555 B DG  10 N1 ? ? A DC  2  B DG  21 1_555 ? ? ? ? ? ? WATSON-CRICK ?     ? ? 
hydrog5  hydrog ?    ? A DC  2  N4    ? ? ? 1_555 B DG  10 O6 ? ? A DC  2  B DG  21 1_555 ? ? ? ? ? ? WATSON-CRICK ?     ? ? 
hydrog6  hydrog ?    ? A DC  2  O2    ? ? ? 1_555 B DG  10 N2 ? ? A DC  2  B DG  21 1_555 ? ? ? ? ? ? WATSON-CRICK ?     ? ? 
hydrog7  hydrog ?    ? A DA  3  N1    ? ? ? 1_555 B DT  9  N3 ? ? A DA  3  B DT  20 1_555 ? ? ? ? ? ? WATSON-CRICK ?     ? ? 
hydrog8  hydrog ?    ? A DA  3  N6    ? ? ? 1_555 B DT  9  O4 ? ? A DA  3  B DT  20 1_555 ? ? ? ? ? ? WATSON-CRICK ?     ? ? 
hydrog9  hydrog ?    ? A DT  4  N3    ? ? ? 1_555 B DA  8  N1 ? ? A DT  4  B DA  19 1_555 ? ? ? ? ? ? WATSON-CRICK ?     ? ? 
hydrog10 hydrog ?    ? A DT  4  O4    ? ? ? 1_555 B DA  8  N6 ? ? A DT  4  B DA  19 1_555 ? ? ? ? ? ? WATSON-CRICK ?     ? ? 
hydrog11 hydrog ?    ? A DA  5  N1    ? ? ? 1_555 B DT  7  N3 ? ? A DA  5  B DT  18 1_555 ? ? ? ? ? ? WATSON-CRICK ?     ? ? 
hydrog12 hydrog ?    ? A DA  5  N6    ? ? ? 1_555 B DT  7  O4 ? ? A DA  5  B DT  18 1_555 ? ? ? ? ? ? WATSON-CRICK ?     ? ? 
hydrog13 hydrog ?    ? A DT  6  N3    ? ? ? 1_555 B DA  6  N1 ? ? A DT  6  B DA  17 1_555 ? ? ? ? ? ? WATSON-CRICK ?     ? ? 
hydrog14 hydrog ?    ? A DT  6  O4    ? ? ? 1_555 B DA  6  N6 ? ? A DT  6  B DA  17 1_555 ? ? ? ? ? ? WATSON-CRICK ?     ? ? 
hydrog15 hydrog ?    ? A DG  8  N1    ? ? ? 1_555 B DC  4  N3 ? ? A DG  8  B DC  15 1_555 ? ? ? ? ? ? WATSON-CRICK ?     ? ? 
hydrog16 hydrog ?    ? A DG  8  N2    ? ? ? 1_555 B DC  4  O2 ? ? A DG  8  B DC  15 1_555 ? ? ? ? ? ? WATSON-CRICK ?     ? ? 
hydrog17 hydrog ?    ? A DG  8  O6    ? ? ? 1_555 B DC  4  N4 ? ? A DG  8  B DC  15 1_555 ? ? ? ? ? ? WATSON-CRICK ?     ? ? 
hydrog18 hydrog ?    ? A DC  9  N3    ? ? ? 1_555 B DG  3  N1 ? ? A DC  9  B DG  14 1_555 ? ? ? ? ? ? WATSON-CRICK ?     ? ? 
hydrog19 hydrog ?    ? A DC  9  N4    ? ? ? 1_555 B DG  3  O6 ? ? A DC  9  B DG  14 1_555 ? ? ? ? ? ? WATSON-CRICK ?     ? ? 
hydrog20 hydrog ?    ? A DC  9  O2    ? ? ? 1_555 B DG  3  N2 ? ? A DC  9  B DG  14 1_555 ? ? ? ? ? ? WATSON-CRICK ?     ? ? 
hydrog21 hydrog ?    ? A DC  10 N3    ? ? ? 1_555 B DG  2  N1 ? ? A DC  10 B DG  13 1_555 ? ? ? ? ? ? WATSON-CRICK ?     ? ? 
hydrog22 hydrog ?    ? A DC  10 N4    ? ? ? 1_555 B DG  2  O6 ? ? A DC  10 B DG  13 1_555 ? ? ? ? ? ? WATSON-CRICK ?     ? ? 
hydrog23 hydrog ?    ? A DC  10 O2    ? ? ? 1_555 B DG  2  N2 ? ? A DC  10 B DG  13 1_555 ? ? ? ? ? ? WATSON-CRICK ?     ? ? 
hydrog24 hydrog ?    ? A DC  11 N3    ? ? ? 1_555 B DG  1  N1 ? ? A DC  11 B DG  12 1_555 ? ? ? ? ? ? WATSON-CRICK ?     ? ? 
hydrog25 hydrog ?    ? A DC  11 N4    ? ? ? 1_555 B DG  1  O6 ? ? A DC  11 B DG  12 1_555 ? ? ? ? ? ? WATSON-CRICK ?     ? ? 
hydrog26 hydrog ?    ? A DC  11 O2    ? ? ? 1_555 B DG  1  N2 ? ? A DC  11 B DG  12 1_555 ? ? ? ? ? ? WATSON-CRICK ?     ? ? 
# 
loop_
_struct_conn_type.id 
_struct_conn_type.criteria 
_struct_conn_type.reference 
covale ? ? 
hydrog ? ? 
# 
loop_
_pdbx_validate_rmsd_bond.id 
_pdbx_validate_rmsd_bond.PDB_model_num 
_pdbx_validate_rmsd_bond.auth_atom_id_1 
_pdbx_validate_rmsd_bond.auth_asym_id_1 
_pdbx_validate_rmsd_bond.auth_comp_id_1 
_pdbx_validate_rmsd_bond.auth_seq_id_1 
_pdbx_validate_rmsd_bond.PDB_ins_code_1 
_pdbx_validate_rmsd_bond.label_alt_id_1 
_pdbx_validate_rmsd_bond.auth_atom_id_2 
_pdbx_validate_rmsd_bond.auth_asym_id_2 
_pdbx_validate_rmsd_bond.auth_comp_id_2 
_pdbx_validate_rmsd_bond.auth_seq_id_2 
_pdbx_validate_rmsd_bond.PDB_ins_code_2 
_pdbx_validate_rmsd_bond.label_alt_id_2 
_pdbx_validate_rmsd_bond.bond_value 
_pdbx_validate_rmsd_bond.bond_target_value 
_pdbx_validate_rmsd_bond.bond_deviation 
_pdbx_validate_rmsd_bond.bond_standard_deviation 
_pdbx_validate_rmsd_bond.linker_flag 
1 1 C8 A DG 8  ? ? N9 A DG 8  ? ? 1.329 1.374 -0.045 0.007 N 
2 1 C8 B DG 12 ? ? N9 B DG 12 ? ? 1.331 1.374 -0.043 0.007 N 
3 1 C8 B DG 13 ? ? N9 B DG 13 ? ? 1.330 1.374 -0.044 0.007 N 
4 1 C8 B DG 14 ? ? N9 B DG 14 ? ? 1.329 1.374 -0.045 0.007 N 
5 1 C8 B DG 21 ? ? N9 B DG 21 ? ? 1.331 1.374 -0.043 0.007 N 
6 1 C8 B DG 22 ? ? N9 B DG 22 ? ? 1.330 1.374 -0.044 0.007 N 
# 
loop_
_pdbx_validate_rmsd_angle.id 
_pdbx_validate_rmsd_angle.PDB_model_num 
_pdbx_validate_rmsd_angle.auth_atom_id_1 
_pdbx_validate_rmsd_angle.auth_asym_id_1 
_pdbx_validate_rmsd_angle.auth_comp_id_1 
_pdbx_validate_rmsd_angle.auth_seq_id_1 
_pdbx_validate_rmsd_angle.PDB_ins_code_1 
_pdbx_validate_rmsd_angle.label_alt_id_1 
_pdbx_validate_rmsd_angle.auth_atom_id_2 
_pdbx_validate_rmsd_angle.auth_asym_id_2 
_pdbx_validate_rmsd_angle.auth_comp_id_2 
_pdbx_validate_rmsd_angle.auth_seq_id_2 
_pdbx_validate_rmsd_angle.PDB_ins_code_2 
_pdbx_validate_rmsd_angle.label_alt_id_2 
_pdbx_validate_rmsd_angle.auth_atom_id_3 
_pdbx_validate_rmsd_angle.auth_asym_id_3 
_pdbx_validate_rmsd_angle.auth_comp_id_3 
_pdbx_validate_rmsd_angle.auth_seq_id_3 
_pdbx_validate_rmsd_angle.PDB_ins_code_3 
_pdbx_validate_rmsd_angle.label_alt_id_3 
_pdbx_validate_rmsd_angle.angle_value 
_pdbx_validate_rmsd_angle.angle_target_value 
_pdbx_validate_rmsd_angle.angle_deviation 
_pdbx_validate_rmsd_angle.angle_standard_deviation 
_pdbx_validate_rmsd_angle.linker_flag 
1  1 OP1 A DC 2  ? ? P  A DC 2  ? ? OP2 A DC 2  ? ? 109.35 119.60 -10.25 1.50 N 
2  1 OP1 A DA 3  ? ? P  A DA 3  ? ? OP2 A DA 3  ? ? 109.33 119.60 -10.27 1.50 N 
3  1 OP1 A DT 4  ? ? P  A DT 4  ? ? OP2 A DT 4  ? ? 109.34 119.60 -10.26 1.50 N 
4  1 OP1 A DA 5  ? ? P  A DA 5  ? ? OP2 A DA 5  ? ? 109.38 119.60 -10.22 1.50 N 
5  1 OP1 A DT 6  ? ? P  A DT 6  ? ? OP2 A DT 6  ? ? 109.39 119.60 -10.21 1.50 N 
6  1 OP1 A DG 8  ? ? P  A DG 8  ? ? OP2 A DG 8  ? ? 109.31 119.60 -10.29 1.50 N 
7  1 C4  A DG 8  ? ? C5 A DG 8  ? ? N7  A DG 8  ? ? 106.99 110.80 -3.81  0.40 N 
8  1 C5  A DG 8  ? ? N7 A DG 8  ? ? C8  A DG 8  ? ? 107.99 104.30 3.69   0.50 N 
9  1 N7  A DG 8  ? ? C8 A DG 8  ? ? N9  A DG 8  ? ? 110.01 113.10 -3.09  0.50 N 
10 1 OP1 A DC 9  ? ? P  A DC 9  ? ? OP2 A DC 9  ? ? 109.36 119.60 -10.24 1.50 N 
11 1 OP1 A DC 10 ? ? P  A DC 10 ? ? OP2 A DC 10 ? ? 109.34 119.60 -10.26 1.50 N 
12 1 OP1 A DC 11 ? ? P  A DC 11 ? ? OP2 A DC 11 ? ? 109.37 119.60 -10.23 1.50 N 
13 1 C4  B DG 12 ? ? C5 B DG 12 ? ? N7  B DG 12 ? ? 107.03 110.80 -3.77  0.40 N 
14 1 C5  B DG 12 ? ? N7 B DG 12 ? ? C8  B DG 12 ? ? 108.03 104.30 3.73   0.50 N 
15 1 N7  B DG 12 ? ? C8 B DG 12 ? ? N9  B DG 12 ? ? 109.94 113.10 -3.16  0.50 N 
16 1 OP1 B DG 13 ? ? P  B DG 13 ? ? OP2 B DG 13 ? ? 109.37 119.60 -10.23 1.50 N 
17 1 C4  B DG 13 ? ? C5 B DG 13 ? ? N7  B DG 13 ? ? 106.99 110.80 -3.81  0.40 N 
18 1 C5  B DG 13 ? ? N7 B DG 13 ? ? C8  B DG 13 ? ? 107.98 104.30 3.68   0.50 N 
19 1 N7  B DG 13 ? ? C8 B DG 13 ? ? N9  B DG 13 ? ? 109.97 113.10 -3.13  0.50 N 
20 1 OP1 B DG 14 ? ? P  B DG 14 ? ? OP2 B DG 14 ? ? 109.37 119.60 -10.23 1.50 N 
21 1 C4  B DG 14 ? ? C5 B DG 14 ? ? N7  B DG 14 ? ? 107.02 110.80 -3.78  0.40 N 
22 1 C5  B DG 14 ? ? N7 B DG 14 ? ? C8  B DG 14 ? ? 108.03 104.30 3.73   0.50 N 
23 1 N7  B DG 14 ? ? C8 B DG 14 ? ? N9  B DG 14 ? ? 109.97 113.10 -3.13  0.50 N 
24 1 OP1 B DC 15 ? ? P  B DC 15 ? ? OP2 B DC 15 ? ? 109.34 119.60 -10.26 1.50 N 
25 1 OP1 B DC 16 ? ? P  B DC 16 ? ? OP2 B DC 16 ? ? 109.35 119.60 -10.25 1.50 N 
26 1 OP1 B DA 17 ? ? P  B DA 17 ? ? OP2 B DA 17 ? ? 109.34 119.60 -10.26 1.50 N 
27 1 OP1 B DT 18 ? ? P  B DT 18 ? ? OP2 B DT 18 ? ? 109.33 119.60 -10.27 1.50 N 
28 1 OP1 B DA 19 ? ? P  B DA 19 ? ? OP2 B DA 19 ? ? 109.36 119.60 -10.24 1.50 N 
29 1 OP1 B DT 20 ? ? P  B DT 20 ? ? OP2 B DT 20 ? ? 109.34 119.60 -10.26 1.50 N 
30 1 OP1 B DG 21 ? ? P  B DG 21 ? ? OP2 B DG 21 ? ? 109.33 119.60 -10.27 1.50 N 
31 1 C4  B DG 21 ? ? C5 B DG 21 ? ? N7  B DG 21 ? ? 107.01 110.80 -3.79  0.40 N 
32 1 C5  B DG 21 ? ? N7 B DG 21 ? ? C8  B DG 21 ? ? 108.04 104.30 3.74   0.50 N 
33 1 N7  B DG 21 ? ? C8 B DG 21 ? ? N9  B DG 21 ? ? 109.98 113.10 -3.12  0.50 N 
34 1 OP1 B DG 22 ? ? P  B DG 22 ? ? OP2 B DG 22 ? ? 109.35 119.60 -10.25 1.50 N 
35 1 C4  B DG 22 ? ? C5 B DG 22 ? ? N7  B DG 22 ? ? 106.96 110.80 -3.84  0.40 N 
36 1 C5  B DG 22 ? ? N7 B DG 22 ? ? C8  B DG 22 ? ? 108.00 104.30 3.70   0.50 N 
37 1 N7  B DG 22 ? ? C8 B DG 22 ? ? N9  B DG 22 ? ? 110.02 113.10 -3.08  0.50 N 
# 
_pdbx_struct_mod_residue.id               1 
_pdbx_struct_mod_residue.label_asym_id    A 
_pdbx_struct_mod_residue.label_comp_id    XPB 
_pdbx_struct_mod_residue.label_seq_id     7 
_pdbx_struct_mod_residue.auth_asym_id     A 
_pdbx_struct_mod_residue.auth_comp_id     XPB 
_pdbx_struct_mod_residue.auth_seq_id      7 
_pdbx_struct_mod_residue.PDB_ins_code     ? 
_pdbx_struct_mod_residue.parent_comp_id   DG 
_pdbx_struct_mod_residue.details          ? 
# 
_pdbx_nmr_ensemble.entry_id                                      1PYJ 
_pdbx_nmr_ensemble.conformers_calculated_total_number            ? 
_pdbx_nmr_ensemble.conformers_submitted_total_number             1 
_pdbx_nmr_ensemble.conformer_selection_criteria                  ? 
_pdbx_nmr_ensemble.average_constraints_per_residue               ? 
_pdbx_nmr_ensemble.average_constraint_violations_per_residue     ? 
_pdbx_nmr_ensemble.maximum_distance_constraint_violation         ? 
_pdbx_nmr_ensemble.average_distance_constraint_violation         ? 
_pdbx_nmr_ensemble.maximum_upper_distance_constraint_violation   ? 
_pdbx_nmr_ensemble.maximum_lower_distance_constraint_violation   ? 
_pdbx_nmr_ensemble.distance_constraint_violation_method          ? 
_pdbx_nmr_ensemble.maximum_torsion_angle_constraint_violation    ? 
_pdbx_nmr_ensemble.average_torsion_angle_constraint_violation    ? 
_pdbx_nmr_ensemble.torsion_angle_constraint_violation_method     ? 
# 
_pdbx_nmr_representative.entry_id             1PYJ 
_pdbx_nmr_representative.conformer_id         ? 
_pdbx_nmr_representative.selection_criteria   'minimized average structure' 
# 
_pdbx_nmr_sample_details.solution_id      1 
_pdbx_nmr_sample_details.contents         
'1 mM [POB]dG-dC 11mer duplex adduct in 600 ul 10 mM sodium phosphate, 0.1 M NaCl, 0.1 mM EDTA, pH7.0' 
_pdbx_nmr_sample_details.solvent_system   '100% D2O and 90% H2O, 10% D2O' 
# 
_pdbx_nmr_exptl_sample_conditions.conditions_id       1 
_pdbx_nmr_exptl_sample_conditions.temperature         298 
_pdbx_nmr_exptl_sample_conditions.pressure            ambient 
_pdbx_nmr_exptl_sample_conditions.pH                  7.00 
_pdbx_nmr_exptl_sample_conditions.ionic_strength      '0.1 M NaCl' 
_pdbx_nmr_exptl_sample_conditions.pressure_units      ? 
_pdbx_nmr_exptl_sample_conditions.temperature_units   K 
# 
_pdbx_nmr_exptl.experiment_id   1 
_pdbx_nmr_exptl.solution_id     1 
_pdbx_nmr_exptl.conditions_id   1 
_pdbx_nmr_exptl.type            '2D NOESY' 
# 
_pdbx_nmr_details.entry_id   1PYJ 
_pdbx_nmr_details.text       'This structure was determined using standard 2D homonuclear techniques' 
# 
_pdbx_nmr_refine.entry_id           1PYJ 
_pdbx_nmr_refine.method             'molecular mechanics in torsion angle space' 
_pdbx_nmr_refine.details            
'The structures are based on a total of 325 restraints (271 DNA-DNA, 22 POB-DNA, 5 POB-POB, 29 H-bonds).' 
_pdbx_nmr_refine.software_ordinal   1 
# 
loop_
_pdbx_nmr_software.name 
_pdbx_nmr_software.version 
_pdbx_nmr_software.classification 
_pdbx_nmr_software.authors 
_pdbx_nmr_software.ordinal 
VNMR   6.1C collection           Varian                1 
Felix  97   'data analysis'      Acceryls              2 
DUPLEX ?    'structure solution' 'Hingerty and Broyde' 3 
DUPLEX ?    refinement           'Hingerty and Broyde' 4 
# 
loop_
_chem_comp_atom.comp_id 
_chem_comp_atom.atom_id 
_chem_comp_atom.type_symbol 
_chem_comp_atom.pdbx_aromatic_flag 
_chem_comp_atom.pdbx_stereo_config 
_chem_comp_atom.pdbx_ordinal 
DA  OP3    O N N 1   
DA  P      P N N 2   
DA  OP1    O N N 3   
DA  OP2    O N N 4   
DA  "O5'"  O N N 5   
DA  "C5'"  C N N 6   
DA  "C4'"  C N R 7   
DA  "O4'"  O N N 8   
DA  "C3'"  C N S 9   
DA  "O3'"  O N N 10  
DA  "C2'"  C N N 11  
DA  "C1'"  C N R 12  
DA  N9     N Y N 13  
DA  C8     C Y N 14  
DA  N7     N Y N 15  
DA  C5     C Y N 16  
DA  C6     C Y N 17  
DA  N6     N N N 18  
DA  N1     N Y N 19  
DA  C2     C Y N 20  
DA  N3     N Y N 21  
DA  C4     C Y N 22  
DA  HOP3   H N N 23  
DA  HOP2   H N N 24  
DA  "H5'"  H N N 25  
DA  "H5''" H N N 26  
DA  "H4'"  H N N 27  
DA  "H3'"  H N N 28  
DA  "HO3'" H N N 29  
DA  "H2'"  H N N 30  
DA  "H2''" H N N 31  
DA  "H1'"  H N N 32  
DA  H8     H N N 33  
DA  H61    H N N 34  
DA  H62    H N N 35  
DA  H2     H N N 36  
DC  OP3    O N N 37  
DC  P      P N N 38  
DC  OP1    O N N 39  
DC  OP2    O N N 40  
DC  "O5'"  O N N 41  
DC  "C5'"  C N N 42  
DC  "C4'"  C N R 43  
DC  "O4'"  O N N 44  
DC  "C3'"  C N S 45  
DC  "O3'"  O N N 46  
DC  "C2'"  C N N 47  
DC  "C1'"  C N R 48  
DC  N1     N N N 49  
DC  C2     C N N 50  
DC  O2     O N N 51  
DC  N3     N N N 52  
DC  C4     C N N 53  
DC  N4     N N N 54  
DC  C5     C N N 55  
DC  C6     C N N 56  
DC  HOP3   H N N 57  
DC  HOP2   H N N 58  
DC  "H5'"  H N N 59  
DC  "H5''" H N N 60  
DC  "H4'"  H N N 61  
DC  "H3'"  H N N 62  
DC  "HO3'" H N N 63  
DC  "H2'"  H N N 64  
DC  "H2''" H N N 65  
DC  "H1'"  H N N 66  
DC  H41    H N N 67  
DC  H42    H N N 68  
DC  H5     H N N 69  
DC  H6     H N N 70  
DG  OP3    O N N 71  
DG  P      P N N 72  
DG  OP1    O N N 73  
DG  OP2    O N N 74  
DG  "O5'"  O N N 75  
DG  "C5'"  C N N 76  
DG  "C4'"  C N R 77  
DG  "O4'"  O N N 78  
DG  "C3'"  C N S 79  
DG  "O3'"  O N N 80  
DG  "C2'"  C N N 81  
DG  "C1'"  C N R 82  
DG  N9     N Y N 83  
DG  C8     C Y N 84  
DG  N7     N Y N 85  
DG  C5     C Y N 86  
DG  C6     C N N 87  
DG  O6     O N N 88  
DG  N1     N N N 89  
DG  C2     C N N 90  
DG  N2     N N N 91  
DG  N3     N N N 92  
DG  C4     C Y N 93  
DG  HOP3   H N N 94  
DG  HOP2   H N N 95  
DG  "H5'"  H N N 96  
DG  "H5''" H N N 97  
DG  "H4'"  H N N 98  
DG  "H3'"  H N N 99  
DG  "HO3'" H N N 100 
DG  "H2'"  H N N 101 
DG  "H2''" H N N 102 
DG  "H1'"  H N N 103 
DG  H8     H N N 104 
DG  H1     H N N 105 
DG  H21    H N N 106 
DG  H22    H N N 107 
DT  OP3    O N N 108 
DT  P      P N N 109 
DT  OP1    O N N 110 
DT  OP2    O N N 111 
DT  "O5'"  O N N 112 
DT  "C5'"  C N N 113 
DT  "C4'"  C N R 114 
DT  "O4'"  O N N 115 
DT  "C3'"  C N S 116 
DT  "O3'"  O N N 117 
DT  "C2'"  C N N 118 
DT  "C1'"  C N R 119 
DT  N1     N N N 120 
DT  C2     C N N 121 
DT  O2     O N N 122 
DT  N3     N N N 123 
DT  C4     C N N 124 
DT  O4     O N N 125 
DT  C5     C N N 126 
DT  C7     C N N 127 
DT  C6     C N N 128 
DT  HOP3   H N N 129 
DT  HOP2   H N N 130 
DT  "H5'"  H N N 131 
DT  "H5''" H N N 132 
DT  "H4'"  H N N 133 
DT  "H3'"  H N N 134 
DT  "HO3'" H N N 135 
DT  "H2'"  H N N 136 
DT  "H2''" H N N 137 
DT  "H1'"  H N N 138 
DT  H3     H N N 139 
DT  H71    H N N 140 
DT  H72    H N N 141 
DT  H73    H N N 142 
DT  H6     H N N 143 
XPB C4     C Y N 144 
XPB C5     C Y N 145 
XPB C6     C Y N 146 
XPB N1     N Y N 147 
XPB C8     C Y N 148 
XPB N2     N N N 149 
XPB C10    C N N 150 
XPB O6     O N N 151 
XPB C11    C N N 152 
XPB C12    C N N 153 
XPB N3     N Y N 154 
XPB C13    C N N 155 
XPB C14    C Y N 156 
XPB C15    C Y N 157 
XPB P      P N N 158 
XPB OP1    O N N 159 
XPB OP2    O N N 160 
XPB "O5'"  O N N 161 
XPB "C5'"  C N N 162 
XPB "C4'"  C N R 163 
XPB "O4'"  O N N 164 
XPB "C3'"  C N S 165 
XPB "O3'"  O N N 166 
XPB "C2'"  C N N 167 
XPB "C1'"  C N R 168 
XPB N9     N Y N 169 
XPB N7     N Y N 170 
XPB C2     C Y N 171 
XPB C16    C Y N 172 
XPB C17    C Y N 173 
XPB "N1'"  N Y N 174 
XPB C18    C Y N 175 
XPB O13    O N N 176 
XPB H8     H N N 177 
XPB H22    H N N 178 
XPB H21    H N N 179 
XPB H10    H N N 180 
XPB H7     H N N 181 
XPB H11    H N N 182 
XPB H9     H N N 183 
XPB H12    H N N 184 
XPB H13    H N N 185 
XPB H15    H N N 186 
XPB H2     H N N 187 
XPB "H5'"  H N N 188 
XPB "H5''" H N N 189 
XPB "H4'"  H N N 190 
XPB "H3'"  H N N 191 
XPB H3     H N N 192 
XPB "H2''" H N N 193 
XPB "H2'"  H N N 194 
XPB "H1'"  H N N 195 
XPB H16    H N N 196 
XPB H17    H N N 197 
XPB H18    H N N 198 
XPB OP3    O N N 199 
XPB H1     H N N 200 
# 
loop_
_chem_comp_bond.comp_id 
_chem_comp_bond.atom_id_1 
_chem_comp_bond.atom_id_2 
_chem_comp_bond.value_order 
_chem_comp_bond.pdbx_aromatic_flag 
_chem_comp_bond.pdbx_stereo_config 
_chem_comp_bond.pdbx_ordinal 
DA  OP3   P      sing N N 1   
DA  OP3   HOP3   sing N N 2   
DA  P     OP1    doub N N 3   
DA  P     OP2    sing N N 4   
DA  P     "O5'"  sing N N 5   
DA  OP2   HOP2   sing N N 6   
DA  "O5'" "C5'"  sing N N 7   
DA  "C5'" "C4'"  sing N N 8   
DA  "C5'" "H5'"  sing N N 9   
DA  "C5'" "H5''" sing N N 10  
DA  "C4'" "O4'"  sing N N 11  
DA  "C4'" "C3'"  sing N N 12  
DA  "C4'" "H4'"  sing N N 13  
DA  "O4'" "C1'"  sing N N 14  
DA  "C3'" "O3'"  sing N N 15  
DA  "C3'" "C2'"  sing N N 16  
DA  "C3'" "H3'"  sing N N 17  
DA  "O3'" "HO3'" sing N N 18  
DA  "C2'" "C1'"  sing N N 19  
DA  "C2'" "H2'"  sing N N 20  
DA  "C2'" "H2''" sing N N 21  
DA  "C1'" N9     sing N N 22  
DA  "C1'" "H1'"  sing N N 23  
DA  N9    C8     sing Y N 24  
DA  N9    C4     sing Y N 25  
DA  C8    N7     doub Y N 26  
DA  C8    H8     sing N N 27  
DA  N7    C5     sing Y N 28  
DA  C5    C6     sing Y N 29  
DA  C5    C4     doub Y N 30  
DA  C6    N6     sing N N 31  
DA  C6    N1     doub Y N 32  
DA  N6    H61    sing N N 33  
DA  N6    H62    sing N N 34  
DA  N1    C2     sing Y N 35  
DA  C2    N3     doub Y N 36  
DA  C2    H2     sing N N 37  
DA  N3    C4     sing Y N 38  
DC  OP3   P      sing N N 39  
DC  OP3   HOP3   sing N N 40  
DC  P     OP1    doub N N 41  
DC  P     OP2    sing N N 42  
DC  P     "O5'"  sing N N 43  
DC  OP2   HOP2   sing N N 44  
DC  "O5'" "C5'"  sing N N 45  
DC  "C5'" "C4'"  sing N N 46  
DC  "C5'" "H5'"  sing N N 47  
DC  "C5'" "H5''" sing N N 48  
DC  "C4'" "O4'"  sing N N 49  
DC  "C4'" "C3'"  sing N N 50  
DC  "C4'" "H4'"  sing N N 51  
DC  "O4'" "C1'"  sing N N 52  
DC  "C3'" "O3'"  sing N N 53  
DC  "C3'" "C2'"  sing N N 54  
DC  "C3'" "H3'"  sing N N 55  
DC  "O3'" "HO3'" sing N N 56  
DC  "C2'" "C1'"  sing N N 57  
DC  "C2'" "H2'"  sing N N 58  
DC  "C2'" "H2''" sing N N 59  
DC  "C1'" N1     sing N N 60  
DC  "C1'" "H1'"  sing N N 61  
DC  N1    C2     sing N N 62  
DC  N1    C6     sing N N 63  
DC  C2    O2     doub N N 64  
DC  C2    N3     sing N N 65  
DC  N3    C4     doub N N 66  
DC  C4    N4     sing N N 67  
DC  C4    C5     sing N N 68  
DC  N4    H41    sing N N 69  
DC  N4    H42    sing N N 70  
DC  C5    C6     doub N N 71  
DC  C5    H5     sing N N 72  
DC  C6    H6     sing N N 73  
DG  OP3   P      sing N N 74  
DG  OP3   HOP3   sing N N 75  
DG  P     OP1    doub N N 76  
DG  P     OP2    sing N N 77  
DG  P     "O5'"  sing N N 78  
DG  OP2   HOP2   sing N N 79  
DG  "O5'" "C5'"  sing N N 80  
DG  "C5'" "C4'"  sing N N 81  
DG  "C5'" "H5'"  sing N N 82  
DG  "C5'" "H5''" sing N N 83  
DG  "C4'" "O4'"  sing N N 84  
DG  "C4'" "C3'"  sing N N 85  
DG  "C4'" "H4'"  sing N N 86  
DG  "O4'" "C1'"  sing N N 87  
DG  "C3'" "O3'"  sing N N 88  
DG  "C3'" "C2'"  sing N N 89  
DG  "C3'" "H3'"  sing N N 90  
DG  "O3'" "HO3'" sing N N 91  
DG  "C2'" "C1'"  sing N N 92  
DG  "C2'" "H2'"  sing N N 93  
DG  "C2'" "H2''" sing N N 94  
DG  "C1'" N9     sing N N 95  
DG  "C1'" "H1'"  sing N N 96  
DG  N9    C8     sing Y N 97  
DG  N9    C4     sing Y N 98  
DG  C8    N7     doub Y N 99  
DG  C8    H8     sing N N 100 
DG  N7    C5     sing Y N 101 
DG  C5    C6     sing N N 102 
DG  C5    C4     doub Y N 103 
DG  C6    O6     doub N N 104 
DG  C6    N1     sing N N 105 
DG  N1    C2     sing N N 106 
DG  N1    H1     sing N N 107 
DG  C2    N2     sing N N 108 
DG  C2    N3     doub N N 109 
DG  N2    H21    sing N N 110 
DG  N2    H22    sing N N 111 
DG  N3    C4     sing N N 112 
DT  OP3   P      sing N N 113 
DT  OP3   HOP3   sing N N 114 
DT  P     OP1    doub N N 115 
DT  P     OP2    sing N N 116 
DT  P     "O5'"  sing N N 117 
DT  OP2   HOP2   sing N N 118 
DT  "O5'" "C5'"  sing N N 119 
DT  "C5'" "C4'"  sing N N 120 
DT  "C5'" "H5'"  sing N N 121 
DT  "C5'" "H5''" sing N N 122 
DT  "C4'" "O4'"  sing N N 123 
DT  "C4'" "C3'"  sing N N 124 
DT  "C4'" "H4'"  sing N N 125 
DT  "O4'" "C1'"  sing N N 126 
DT  "C3'" "O3'"  sing N N 127 
DT  "C3'" "C2'"  sing N N 128 
DT  "C3'" "H3'"  sing N N 129 
DT  "O3'" "HO3'" sing N N 130 
DT  "C2'" "C1'"  sing N N 131 
DT  "C2'" "H2'"  sing N N 132 
DT  "C2'" "H2''" sing N N 133 
DT  "C1'" N1     sing N N 134 
DT  "C1'" "H1'"  sing N N 135 
DT  N1    C2     sing N N 136 
DT  N1    C6     sing N N 137 
DT  C2    O2     doub N N 138 
DT  C2    N3     sing N N 139 
DT  N3    C4     sing N N 140 
DT  N3    H3     sing N N 141 
DT  C4    O4     doub N N 142 
DT  C4    C5     sing N N 143 
DT  C5    C7     sing N N 144 
DT  C5    C6     doub N N 145 
DT  C7    H71    sing N N 146 
DT  C7    H72    sing N N 147 
DT  C7    H73    sing N N 148 
DT  C6    H6     sing N N 149 
XPB "O3'" "C3'"  sing N N 150 
XPB "C3'" "C4'"  sing N N 151 
XPB "C3'" "C2'"  sing N N 152 
XPB "C4'" "C5'"  sing N N 153 
XPB "C4'" "O4'"  sing N N 154 
XPB "C5'" "O5'"  sing N N 155 
XPB "C2'" "C1'"  sing N N 156 
XPB "O4'" "C1'"  sing N N 157 
XPB OP1   P      doub N N 158 
XPB "C1'" N9     sing N N 159 
XPB "O5'" P      sing N N 160 
XPB P     OP2    sing N N 161 
XPB N9    C4     sing Y N 162 
XPB N9    C8     sing Y N 163 
XPB N3    C4     sing Y N 164 
XPB N3    C2     doub Y N 165 
XPB N2    C2     sing N N 166 
XPB C4    C5     doub Y N 167 
XPB C8    N7     doub Y N 168 
XPB C2    N1     sing Y N 169 
XPB C5    N7     sing Y N 170 
XPB C5    C6     sing Y N 171 
XPB N1    C6     doub Y N 172 
XPB C6    O6     sing N N 173 
XPB O6    C10    sing N N 174 
XPB C10   C11    sing N N 175 
XPB C11   C12    sing N N 176 
XPB O13   C13    doub N N 177 
XPB C12   C13    sing N N 178 
XPB C13   C14    sing N N 179 
XPB C14   C15    doub Y N 180 
XPB C14   C18    sing Y N 181 
XPB C15   C16    sing Y N 182 
XPB C18   "N1'"  doub Y N 183 
XPB C16   C17    doub Y N 184 
XPB "N1'" C17    sing Y N 185 
XPB C8    H8     sing N N 186 
XPB N2    H22    sing N N 187 
XPB N2    H21    sing N N 188 
XPB C10   H10    sing N N 189 
XPB C10   H7     sing N N 190 
XPB C11   H11    sing N N 191 
XPB C11   H9     sing N N 192 
XPB C12   H12    sing N N 193 
XPB C12   H13    sing N N 194 
XPB C15   H15    sing N N 195 
XPB OP2   H2     sing N N 196 
XPB "C5'" "H5'"  sing N N 197 
XPB "C5'" "H5''" sing N N 198 
XPB "C4'" "H4'"  sing N N 199 
XPB "C3'" "H3'"  sing N N 200 
XPB "O3'" H3     sing N N 201 
XPB "C2'" "H2''" sing N N 202 
XPB "C2'" "H2'"  sing N N 203 
XPB "C1'" "H1'"  sing N N 204 
XPB C16   H16    sing N N 205 
XPB C17   H17    sing N N 206 
XPB C18   H18    sing N N 207 
XPB P     OP3    sing N N 208 
XPB OP3   H1     sing N N 209 
# 
loop_
_ndb_struct_conf_na.entry_id 
_ndb_struct_conf_na.feature 
1PYJ 'double helix'        
1PYJ 'b-form double helix' 
# 
_pdbx_nmr_spectrometer.spectrometer_id   1 
_pdbx_nmr_spectrometer.type              ? 
_pdbx_nmr_spectrometer.manufacturer      Varian 
_pdbx_nmr_spectrometer.model             INOVA 
_pdbx_nmr_spectrometer.field_strength    600 
# 
_atom_sites.entry_id                    1PYJ 
_atom_sites.fract_transf_matrix[1][1]   1.000000 
_atom_sites.fract_transf_matrix[1][2]   0.000000 
_atom_sites.fract_transf_matrix[1][3]   0.000000 
_atom_sites.fract_transf_matrix[2][1]   0.000000 
_atom_sites.fract_transf_matrix[2][2]   1.000000 
_atom_sites.fract_transf_matrix[2][3]   0.000000 
_atom_sites.fract_transf_matrix[3][1]   0.000000 
_atom_sites.fract_transf_matrix[3][2]   0.000000 
_atom_sites.fract_transf_matrix[3][3]   1.000000 
_atom_sites.fract_transf_vector[1]      0.00000 
_atom_sites.fract_transf_vector[2]      0.00000 
_atom_sites.fract_transf_vector[3]      0.00000 
# 
loop_
_atom_type.symbol 
C 
H 
N 
O 
P 
# 
loop_
_atom_site.group_PDB 
_atom_site.id 
_atom_site.type_symbol 
_atom_site.label_atom_id 
_atom_site.label_alt_id 
_atom_site.label_comp_id 
_atom_site.label_asym_id 
_atom_site.label_entity_id 
_atom_site.label_seq_id 
_atom_site.pdbx_PDB_ins_code 
_atom_site.Cartn_x 
_atom_site.Cartn_y 
_atom_site.Cartn_z 
_atom_site.occupancy 
_atom_site.B_iso_or_equiv 
_atom_site.pdbx_formal_charge 
_atom_site.auth_seq_id 
_atom_site.auth_comp_id 
_atom_site.auth_asym_id 
_atom_site.auth_atom_id 
_atom_site.pdbx_PDB_model_num 
ATOM   1   O "O5'"  . DC  A 1 1  ? -10.691 15.476  -2.747  1.00 0.00 ? 1  DC  A "O5'"  1 
ATOM   2   C "C5'"  . DC  A 1 1  ? -9.715  15.246  -3.779  1.00 0.00 ? 1  DC  A "C5'"  1 
ATOM   3   C "C4'"  . DC  A 1 1  ? -10.156 14.103  -4.662  1.00 0.00 ? 1  DC  A "C4'"  1 
ATOM   4   O "O4'"  . DC  A 1 1  ? -9.186  13.906  -5.729  1.00 0.00 ? 1  DC  A "O4'"  1 
ATOM   5   C "C3'"  . DC  A 1 1  ? -10.231 12.733  -3.995  1.00 0.00 ? 1  DC  A "C3'"  1 
ATOM   6   O "O3'"  . DC  A 1 1  ? -11.172 11.929  -4.712  1.00 0.00 ? 1  DC  A "O3'"  1 
ATOM   7   C "C2'"  . DC  A 1 1  ? -8.839  12.144  -4.194  1.00 0.00 ? 1  DC  A "C2'"  1 
ATOM   8   C "C1'"  . DC  A 1 1  ? -8.479  12.685  -5.568  1.00 0.00 ? 1  DC  A "C1'"  1 
ATOM   9   N N1     . DC  A 1 1  ? -7.055  12.981  -5.698  1.00 0.00 ? 1  DC  A N1     1 
ATOM   10  C C2     . DC  A 1 1  ? -6.349  12.535  -6.786  1.00 0.00 ? 1  DC  A C2     1 
ATOM   11  O O2     . DC  A 1 1  ? -6.932  11.866  -7.681  1.00 0.00 ? 1  DC  A O2     1 
ATOM   12  N N3     . DC  A 1 1  ? -5.071  12.784  -6.931  1.00 0.00 ? 1  DC  A N3     1 
ATOM   13  C C4     . DC  A 1 1  ? -4.424  13.511  -5.965  1.00 0.00 ? 1  DC  A C4     1 
ATOM   14  N N4     . DC  A 1 1  ? -3.128  13.748  -6.140  1.00 0.00 ? 1  DC  A N4     1 
ATOM   15  C C5     . DC  A 1 1  ? -5.116  13.998  -4.812  1.00 0.00 ? 1  DC  A C5     1 
ATOM   16  C C6     . DC  A 1 1  ? -6.430  13.702  -4.730  1.00 0.00 ? 1  DC  A C6     1 
ATOM   17  H "H5'"  . DC  A 1 1  ? -8.836  15.019  -3.362  1.00 0.00 ? 1  DC  A "H5'"  1 
ATOM   18  H "H5''" . DC  A 1 1  ? -9.617  16.071  -4.336  1.00 0.00 ? 1  DC  A "H5''" 1 
ATOM   19  H "H4'"  . DC  A 1 1  ? -11.073 14.289  -5.016  1.00 0.00 ? 1  DC  A "H4'"  1 
ATOM   20  H "H3'"  . DC  A 1 1  ? -10.528 12.839  -3.047  1.00 0.00 ? 1  DC  A "H3'"  1 
ATOM   21  H "H2'"  . DC  A 1 1  ? -8.232  12.471  -3.468  1.00 0.00 ? 1  DC  A "H2'"  1 
ATOM   22  H "H2''" . DC  A 1 1  ? -8.890  11.147  -4.161  1.00 0.00 ? 1  DC  A "H2''" 1 
ATOM   23  H "H1'"  . DC  A 1 1  ? -8.766  12.037  -6.274  1.00 0.00 ? 1  DC  A "H1'"  1 
ATOM   24  H H41    . DC  A 1 1  ? -2.620  14.274  -5.458  1.00 0.00 ? 1  DC  A H41    1 
ATOM   25  H H42    . DC  A 1 1  ? -2.661  13.398  -6.953  1.00 0.00 ? 1  DC  A H42    1 
ATOM   26  H H5     . DC  A 1 1  ? -4.650  14.529  -4.103  1.00 0.00 ? 1  DC  A H5     1 
ATOM   27  H H6     . DC  A 1 1  ? -6.955  14.021  -3.942  1.00 0.00 ? 1  DC  A H6     1 
ATOM   28  H "HO5'" . DC  A 1 1  ? -10.326 16.237  -2.209  1.00 0.00 ? 1  DC  A "HO5'" 1 
ATOM   29  P P      . DC  A 1 2  ? -11.401 10.389  -4.341  1.00 0.00 ? 2  DC  A P      1 
ATOM   30  O OP1    . DC  A 1 2  ? -12.853 10.103  -4.284  1.00 0.00 ? 2  DC  A OP1    1 
ATOM   31  O OP2    . DC  A 1 2  ? -10.793 10.100  -3.024  1.00 0.00 ? 2  DC  A OP2    1 
ATOM   32  O "O5'"  . DC  A 1 2  ? -10.660 9.657   -5.556  1.00 0.00 ? 2  DC  A "O5'"  1 
ATOM   33  C "C5'"  . DC  A 1 2  ? -10.963 9.990   -6.923  1.00 0.00 ? 2  DC  A "C5'"  1 
ATOM   34  C "C4'"  . DC  A 1 2  ? -10.380 8.949   -7.849  1.00 0.00 ? 2  DC  A "C4'"  1 
ATOM   35  O "O4'"  . DC  A 1 2  ? -8.977  9.245   -8.096  1.00 0.00 ? 2  DC  A "O4'"  1 
ATOM   36  C "C3'"  . DC  A 1 2  ? -10.349 7.520   -7.316  1.00 0.00 ? 2  DC  A "C3'"  1 
ATOM   37  O "O3'"  . DC  A 1 2  ? -10.454 6.624   -8.426  1.00 0.00 ? 2  DC  A "O3'"  1 
ATOM   38  C "C2'"  . DC  A 1 2  ? -8.968  7.347   -6.692  1.00 0.00 ? 2  DC  A "C2'"  1 
ATOM   39  C "C1'"  . DC  A 1 2  ? -8.129  8.211   -7.618  1.00 0.00 ? 2  DC  A "C1'"  1 
ATOM   40  N N1     . DC  A 1 2  ? -7.007  8.843   -6.931  1.00 0.00 ? 2  DC  A N1     1 
ATOM   41  C C2     . DC  A 1 2  ? -5.745  8.793   -7.466  1.00 0.00 ? 2  DC  A C2     1 
ATOM   42  O O2     . DC  A 1 2  ? -5.552  8.196   -8.559  1.00 0.00 ? 2  DC  A O2     1 
ATOM   43  N N3     . DC  A 1 2  ? -4.719  9.350   -6.873  1.00 0.00 ? 2  DC  A N3     1 
ATOM   44  C C4     . DC  A 1 2  ? -4.915  10.003  -5.684  1.00 0.00 ? 2  DC  A C4     1 
ATOM   45  N N4     . DC  A 1 2  ? -3.855  10.559  -5.105  1.00 0.00 ? 2  DC  A N4     1 
ATOM   46  C C5     . DC  A 1 2  ? -6.211  10.084  -5.084  1.00 0.00 ? 2  DC  A C5     1 
ATOM   47  C C6     . DC  A 1 2  ? -7.220  9.486   -5.752  1.00 0.00 ? 2  DC  A C6     1 
ATOM   48  H "H5'"  . DC  A 1 2  ? -10.571 10.882  -7.144  1.00 0.00 ? 2  DC  A "H5'"  1 
ATOM   49  H "H5''" . DC  A 1 2  ? -11.955 10.021  -7.047  1.00 0.00 ? 2  DC  A "H5''" 1 
ATOM   50  H "H4'"  . DC  A 1 2  ? -10.913 8.917   -8.695  1.00 0.00 ? 2  DC  A "H4'"  1 
ATOM   51  H "H3'"  . DC  A 1 2  ? -11.115 7.380   -6.690  1.00 0.00 ? 2  DC  A "H3'"  1 
ATOM   52  H "H2'"  . DC  A 1 2  ? -8.987  7.673   -5.747  1.00 0.00 ? 2  DC  A "H2'"  1 
ATOM   53  H "H2''" . DC  A 1 2  ? -8.714  6.381   -6.706  1.00 0.00 ? 2  DC  A "H2''" 1 
ATOM   54  H "H1'"  . DC  A 1 2  ? -7.802  7.665   -8.390  1.00 0.00 ? 2  DC  A "H1'"  1 
ATOM   55  H H41    . DC  A 1 2  ? -3.955  11.044  -4.236  1.00 0.00 ? 2  DC  A H41    1 
ATOM   56  H H42    . DC  A 1 2  ? -2.956  10.491  -5.539  1.00 0.00 ? 2  DC  A H42    1 
ATOM   57  H H5     . DC  A 1 2  ? -6.362  10.559  -4.216  1.00 0.00 ? 2  DC  A H5     1 
ATOM   58  H H6     . DC  A 1 2  ? -8.145  9.517   -5.371  1.00 0.00 ? 2  DC  A H6     1 
ATOM   59  P P      . DA  A 1 3  ? -10.302 5.044   -8.238  1.00 0.00 ? 3  DA  A P      1 
ATOM   60  O OP1    . DA  A 1 3  ? -11.313 4.345   -9.061  1.00 0.00 ? 3  DA  A OP1    1 
ATOM   61  O OP2    . DA  A 1 3  ? -10.502 4.693   -6.813  1.00 0.00 ? 3  DA  A OP2    1 
ATOM   62  O "O5'"  . DA  A 1 3  ? -8.802  4.807   -8.742  1.00 0.00 ? 3  DA  A "O5'"  1 
ATOM   63  C "C5'"  . DA  A 1 3  ? -8.404  5.146   -10.083 1.00 0.00 ? 3  DA  A "C5'"  1 
ATOM   64  C "C4'"  . DA  A 1 3  ? -7.056  4.542   -10.391 1.00 0.00 ? 3  DA  A "C4'"  1 
ATOM   65  O "O4'"  . DA  A 1 3  ? -6.011  5.326   -9.749  1.00 0.00 ? 3  DA  A "O4'"  1 
ATOM   66  C "C3'"  . DA  A 1 3  ? -6.817  3.132   -9.862  1.00 0.00 ? 3  DA  A "C3'"  1 
ATOM   67  O "O3'"  . DA  A 1 3  ? -6.048  2.420   -10.835 1.00 0.00 ? 3  DA  A "O3'"  1 
ATOM   68  C "C2'"  . DA  A 1 3  ? -5.970  3.267   -8.600  1.00 0.00 ? 3  DA  A "C2'"  1 
ATOM   69  C "C1'"  . DA  A 1 3  ? -5.176  4.518   -8.932  1.00 0.00 ? 3  DA  A "C1'"  1 
ATOM   70  N N9     . DA  A 1 3  ? -4.832  5.296   -7.745  1.00 0.00 ? 3  DA  A N9     1 
ATOM   71  C C8     . DA  A 1 3  ? -5.657  5.753   -6.765  1.00 0.00 ? 3  DA  A C8     1 
ATOM   72  N N7     . DA  A 1 3  ? -5.017  6.434   -5.819  1.00 0.00 ? 3  DA  A N7     1 
ATOM   73  C C5     . DA  A 1 3  ? -3.698  6.408   -6.224  1.00 0.00 ? 3  DA  A C5     1 
ATOM   74  C C6     . DA  A 1 3  ? -2.526  6.947   -5.660  1.00 0.00 ? 3  DA  A C6     1 
ATOM   75  N N6     . DA  A 1 3  ? -2.508  7.639   -4.524  1.00 0.00 ? 3  DA  A N6     1 
ATOM   76  N N1     . DA  A 1 3  ? -1.361  6.735   -6.331  1.00 0.00 ? 3  DA  A N1     1 
ATOM   77  C C2     . DA  A 1 3  ? -1.396  6.021   -7.498  1.00 0.00 ? 3  DA  A C2     1 
ATOM   78  N N3     . DA  A 1 3  ? -2.416  5.485   -8.101  1.00 0.00 ? 3  DA  A N3     1 
ATOM   79  C C4     . DA  A 1 3  ? -3.552  5.715   -7.409  1.00 0.00 ? 3  DA  A C4     1 
ATOM   80  H "H5'"  . DA  A 1 3  ? -8.348  6.141   -10.174 1.00 0.00 ? 3  DA  A "H5'"  1 
ATOM   81  H "H5''" . DA  A 1 3  ? -9.079  4.792   -10.731 1.00 0.00 ? 3  DA  A "H5''" 1 
ATOM   82  H "H4'"  . DA  A 1 3  ? -6.931  4.491   -11.382 1.00 0.00 ? 3  DA  A "H4'"  1 
ATOM   83  H "H3'"  . DA  A 1 3  ? -7.695  2.677   -9.716  1.00 0.00 ? 3  DA  A "H3'"  1 
ATOM   84  H "H2'"  . DA  A 1 3  ? -6.570  3.369   -7.806  1.00 0.00 ? 3  DA  A "H2'"  1 
ATOM   85  H "H2''" . DA  A 1 3  ? -5.405  2.449   -8.487  1.00 0.00 ? 3  DA  A "H2''" 1 
ATOM   86  H "H1'"  . DA  A 1 3  ? -4.349  4.274   -9.439  1.00 0.00 ? 3  DA  A "H1'"  1 
ATOM   87  H H8     . DA  A 1 3  ? -6.644  5.594   -6.758  1.00 0.00 ? 3  DA  A H8     1 
ATOM   88  H H61    . DA  A 1 3  ? -3.359  7.801   -4.024  1.00 0.00 ? 3  DA  A H61    1 
ATOM   89  H H62    . DA  A 1 3  ? -1.644  7.998   -4.169  1.00 0.00 ? 3  DA  A H62    1 
ATOM   90  H H2     . DA  A 1 3  ? -0.515  5.892   -7.952  1.00 0.00 ? 3  DA  A H2     1 
ATOM   91  P P      . DT  A 1 4  ? -5.531  0.930   -10.558 1.00 0.00 ? 4  DT  A P      1 
ATOM   92  O OP1    . DT  A 1 4  ? -5.802  0.084   -11.742 1.00 0.00 ? 4  DT  A OP1    1 
ATOM   93  O OP2    . DT  A 1 4  ? -6.237  0.370   -9.384  1.00 0.00 ? 4  DT  A OP2    1 
ATOM   94  O "O5'"  . DT  A 1 4  ? -3.973  1.179   -10.301 1.00 0.00 ? 4  DT  A "O5'"  1 
ATOM   95  C "C5'"  . DT  A 1 4  ? -3.158  1.873   -11.265 1.00 0.00 ? 4  DT  A "C5'"  1 
ATOM   96  C "C4'"  . DT  A 1 4  ? -1.705  1.798   -10.862 1.00 0.00 ? 4  DT  A "C4'"  1 
ATOM   97  O "O4'"  . DT  A 1 4  ? -1.461  2.696   -9.743  1.00 0.00 ? 4  DT  A "O4'"  1 
ATOM   98  C "C3'"  . DT  A 1 4  ? -1.221  0.446   -10.351 1.00 0.00 ? 4  DT  A "C3'"  1 
ATOM   99  O "O3'"  . DT  A 1 4  ? 0.092   0.223   -10.870 1.00 0.00 ? 4  DT  A "O3'"  1 
ATOM   100 C "C2'"  . DT  A 1 4  ? -1.113  0.549   -8.833  1.00 0.00 ? 4  DT  A "C2'"  1 
ATOM   101 C "C1'"  . DT  A 1 4  ? -0.808  2.030   -8.672  1.00 0.00 ? 4  DT  A "C1'"  1 
ATOM   102 N N1     . DT  A 1 4  ? -1.331  2.579   -7.425  1.00 0.00 ? 4  DT  A N1     1 
ATOM   103 C C2     . DT  A 1 4  ? -0.479  3.292   -6.605  1.00 0.00 ? 4  DT  A C2     1 
ATOM   104 O O2     . DT  A 1 4  ? 0.697   3.493   -6.863  1.00 0.00 ? 4  DT  A O2     1 
ATOM   105 N N3     . DT  A 1 4  ? -1.050  3.776   -5.445  1.00 0.00 ? 4  DT  A N3     1 
ATOM   106 C C4     . DT  A 1 4  ? -2.363  3.608   -5.055  1.00 0.00 ? 4  DT  A C4     1 
ATOM   107 O O4     . DT  A 1 4  ? -2.748  4.098   -3.982  1.00 0.00 ? 4  DT  A O4     1 
ATOM   108 C C5     . DT  A 1 4  ? -3.187  2.859   -5.952  1.00 0.00 ? 4  DT  A C5     1 
ATOM   109 C C7     . DT  A 1 4  ? -4.624  2.643   -5.582  1.00 0.00 ? 4  DT  A C7     1 
ATOM   110 C C6     . DT  A 1 4  ? -2.639  2.386   -7.078  1.00 0.00 ? 4  DT  A C6     1 
ATOM   111 H "H5'"  . DT  A 1 4  ? -3.438  2.832   -11.309 1.00 0.00 ? 4  DT  A "H5'"  1 
ATOM   112 H "H5''" . DT  A 1 4  ? -3.272  1.451   -12.164 1.00 0.00 ? 4  DT  A "H5''" 1 
ATOM   113 H "H4'"  . DT  A 1 4  ? -1.129  2.018   -11.650 1.00 0.00 ? 4  DT  A "H4'"  1 
ATOM   114 H "H3'"  . DT  A 1 4  ? -1.843  -0.271  -10.664 1.00 0.00 ? 4  DT  A "H3'"  1 
ATOM   115 H "H2'"  . DT  A 1 4  ? -1.980  0.272   -8.417  1.00 0.00 ? 4  DT  A "H2'"  1 
ATOM   116 H "H2''" . DT  A 1 4  ? -0.382  -0.049  -8.508  1.00 0.00 ? 4  DT  A "H2''" 1 
ATOM   117 H "H1'"  . DT  A 1 4  ? 0.178   2.185   -8.735  1.00 0.00 ? 4  DT  A "H1'"  1 
ATOM   118 H H3     . DT  A 1 4  ? -0.457  4.297   -4.831  1.00 0.00 ? 4  DT  A H3     1 
ATOM   119 H H71    . DT  A 1 4  ? -4.729  2.698   -4.589  1.00 0.00 ? 4  DT  A H71    1 
ATOM   120 H H72    . DT  A 1 4  ? -5.194  3.345   -6.010  1.00 0.00 ? 4  DT  A H72    1 
ATOM   121 H H73    . DT  A 1 4  ? -4.923  1.743   -5.895  1.00 0.00 ? 4  DT  A H73    1 
ATOM   122 H H6     . DT  A 1 4  ? -3.213  1.863   -7.709  1.00 0.00 ? 4  DT  A H6     1 
ATOM   123 P P      . DA  A 1 5  ? 0.910   -1.107  -10.520 1.00 0.00 ? 5  DA  A P      1 
ATOM   124 O OP1    . DA  A 1 5  ? 1.554   -1.631  -11.745 1.00 0.00 ? 5  DA  A OP1    1 
ATOM   125 O OP2    . DA  A 1 5  ? -0.013  -2.128  -9.976  1.00 0.00 ? 5  DA  A OP2    1 
ATOM   126 O "O5'"  . DA  A 1 5  ? 1.956   -0.559  -9.440  1.00 0.00 ? 5  DA  A "O5'"  1 
ATOM   127 C "C5'"  . DA  A 1 5  ? 2.908   0.467   -9.777  1.00 0.00 ? 5  DA  A "C5'"  1 
ATOM   128 C "C4'"  . DA  A 1 5  ? 3.831   0.718   -8.609  1.00 0.00 ? 5  DA  A "C4'"  1 
ATOM   129 O "O4'"  . DA  A 1 5  ? 3.114   1.431   -7.563  1.00 0.00 ? 5  DA  A "O4'"  1 
ATOM   130 C "C3'"  . DA  A 1 5  ? 4.366   -0.523  -7.901  1.00 0.00 ? 5  DA  A "C3'"  1 
ATOM   131 O "O3'"  . DA  A 1 5  ? 5.751   -0.307  -7.621  1.00 0.00 ? 5  DA  A "O3'"  1 
ATOM   132 C "C2'"  . DA  A 1 5  ? 3.633   -0.641  -6.569  1.00 0.00 ? 5  DA  A "C2'"  1 
ATOM   133 C "C1'"  . DA  A 1 5  ? 3.295   0.816   -6.296  1.00 0.00 ? 5  DA  A "C1'"  1 
ATOM   134 N N9     . DA  A 1 5  ? 2.054   0.975   -5.544  1.00 0.00 ? 5  DA  A N9     1 
ATOM   135 C C8     . DA  A 1 5  ? 0.810   0.527   -5.860  1.00 0.00 ? 5  DA  A C8     1 
ATOM   136 N N7     . DA  A 1 5  ? -0.106  0.845   -4.950  1.00 0.00 ? 5  DA  A N7     1 
ATOM   137 C C5     . DA  A 1 5  ? 0.603   1.540   -3.991  1.00 0.00 ? 5  DA  A C5     1 
ATOM   138 C C6     . DA  A 1 5  ? 0.213   2.142   -2.779  1.00 0.00 ? 5  DA  A C6     1 
ATOM   139 N N6     . DA  A 1 5  ? -1.038  2.131   -2.322  1.00 0.00 ? 5  DA  A N6     1 
ATOM   140 N N1     . DA  A 1 5  ? 1.182   2.760   -2.052  1.00 0.00 ? 5  DA  A N1     1 
ATOM   141 C C2     . DA  A 1 5  ? 2.464   2.762   -2.539  1.00 0.00 ? 5  DA  A C2     1 
ATOM   142 N N3     . DA  A 1 5  ? 2.925   2.241   -3.637  1.00 0.00 ? 5  DA  A N3     1 
ATOM   143 C C4     . DA  A 1 5  ? 1.936   1.636   -4.329  1.00 0.00 ? 5  DA  A C4     1 
ATOM   144 H "H5'"  . DA  A 1 5  ? 2.422   1.313   -9.998  1.00 0.00 ? 5  DA  A "H5'"  1 
ATOM   145 H "H5''" . DA  A 1 5  ? 3.448   0.177   -10.566 1.00 0.00 ? 5  DA  A "H5''" 1 
ATOM   146 H "H4'"  . DA  A 1 5  ? 4.635   1.225   -8.922  1.00 0.00 ? 5  DA  A "H4'"  1 
ATOM   147 H "H3'"  . DA  A 1 5  ? 4.252   -1.320  -8.493  1.00 0.00 ? 5  DA  A "H3'"  1 
ATOM   148 H "H2'"  . DA  A 1 5  ? 2.827   -1.222  -6.682  1.00 0.00 ? 5  DA  A "H2'"  1 
ATOM   149 H "H2''" . DA  A 1 5  ? 4.242   -1.044  -5.887  1.00 0.00 ? 5  DA  A "H2''" 1 
ATOM   150 H "H1'"  . DA  A 1 5  ? 4.051   1.260   -5.816  1.00 0.00 ? 5  DA  A "H1'"  1 
ATOM   151 H H8     . DA  A 1 5  ? 0.605   0.013   -6.693  1.00 0.00 ? 5  DA  A H8     1 
ATOM   152 H H61    . DA  A 1 5  ? -1.758  1.677   -2.848  1.00 0.00 ? 5  DA  A H61    1 
ATOM   153 H H62    . DA  A 1 5  ? -1.256  2.575   -1.454  1.00 0.00 ? 5  DA  A H62    1 
ATOM   154 H H2     . DA  A 1 5  ? 3.138   3.230   -1.969  1.00 0.00 ? 5  DA  A H2     1 
ATOM   155 P P      . DT  A 1 6  ? 6.653   -1.450  -6.958  1.00 0.00 ? 6  DT  A P      1 
ATOM   156 O OP1    . DT  A 1 6  ? 7.895   -1.620  -7.743  1.00 0.00 ? 6  DT  A OP1    1 
ATOM   157 O OP2    . DT  A 1 6  ? 5.905   -2.726  -6.940  1.00 0.00 ? 6  DT  A OP2    1 
ATOM   158 O "O5'"  . DT  A 1 6  ? 6.906   -0.844  -5.497  1.00 0.00 ? 6  DT  A "O5'"  1 
ATOM   159 C "C5'"  . DT  A 1 6  ? 7.584   0.414   -5.319  1.00 0.00 ? 6  DT  A "C5'"  1 
ATOM   160 C "C4'"  . DT  A 1 6  ? 7.739   0.711   -3.847  1.00 0.00 ? 6  DT  A "C4'"  1 
ATOM   161 O "O4'"  . DT  A 1 6  ? 6.438   1.021   -3.275  1.00 0.00 ? 6  DT  A "O4'"  1 
ATOM   162 C "C3'"  . DT  A 1 6  ? 8.257   -0.436  -2.986  1.00 0.00 ? 6  DT  A "C3'"  1 
ATOM   163 O "O3'"  . DT  A 1 6  ? 9.275   0.085   -2.127  1.00 0.00 ? 6  DT  A "O3'"  1 
ATOM   164 C "C2'"  . DT  A 1 6  ? 7.104   -0.910  -2.107  1.00 0.00 ? 6  DT  A "C2'"  1 
ATOM   165 C "C1'"  . DT  A 1 6  ? 6.240   0.340   -2.045  1.00 0.00 ? 6  DT  A "C1'"  1 
ATOM   166 N N1     . DT  A 1 6  ? 4.817   0.035   -1.928  1.00 0.00 ? 6  DT  A N1     1 
ATOM   167 C C2     . DT  A 1 6  ? 4.103   0.586   -0.883  1.00 0.00 ? 6  DT  A C2     1 
ATOM   168 O O2     . DT  A 1 6  ? 4.594   1.320   -0.043  1.00 0.00 ? 6  DT  A O2     1 
ATOM   169 N N3     . DT  A 1 6  ? 2.765   0.249   -0.846  1.00 0.00 ? 6  DT  A N3     1 
ATOM   170 C C4     . DT  A 1 6  ? 2.106   -0.569  -1.741  1.00 0.00 ? 6  DT  A C4     1 
ATOM   171 O O4     . DT  A 1 6  ? 0.897   -0.791  -1.590  1.00 0.00 ? 6  DT  A O4     1 
ATOM   172 C C5     . DT  A 1 6  ? 2.909   -1.104  -2.798  1.00 0.00 ? 6  DT  A C5     1 
ATOM   173 C C7     . DT  A 1 6  ? 2.250   -2.001  -3.802  1.00 0.00 ? 6  DT  A C7     1 
ATOM   174 C C6     . DT  A 1 6  ? 4.209   -0.781  -2.840  1.00 0.00 ? 6  DT  A C6     1 
ATOM   175 H "H5'"  . DT  A 1 6  ? 7.049   1.143   -5.747  1.00 0.00 ? 6  DT  A "H5'"  1 
ATOM   176 H "H5''" . DT  A 1 6  ? 8.488   0.370   -5.744  1.00 0.00 ? 6  DT  A "H5''" 1 
ATOM   177 H "H4'"  . DT  A 1 6  ? 8.386   1.464   -3.726  1.00 0.00 ? 6  DT  A "H4'"  1 
ATOM   178 H "H3'"  . DT  A 1 6  ? 8.632   -1.152  -3.574  1.00 0.00 ? 6  DT  A "H3'"  1 
ATOM   179 H "H2'"  . DT  A 1 6  ? 6.648   -1.685  -2.545  1.00 0.00 ? 6  DT  A "H2'"  1 
ATOM   180 H "H2''" . DT  A 1 6  ? 7.458   -1.192  -1.216  1.00 0.00 ? 6  DT  A "H2''" 1 
ATOM   181 H "H1'"  . DT  A 1 6  ? 6.532   0.924   -1.287  1.00 0.00 ? 6  DT  A "H1'"  1 
ATOM   182 H H3     . DT  A 1 6  ? 2.221   0.634   -0.100  1.00 0.00 ? 6  DT  A H3     1 
ATOM   183 H H71    . DT  A 1 6  ? 1.603   -2.608  -3.342  1.00 0.00 ? 6  DT  A H71    1 
ATOM   184 H H72    . DT  A 1 6  ? 1.759   -1.451  -4.478  1.00 0.00 ? 6  DT  A H72    1 
ATOM   185 H H73    . DT  A 1 6  ? 2.942   -2.553  -4.270  1.00 0.00 ? 6  DT  A H73    1 
ATOM   186 H H6     . DT  A 1 6  ? 4.771   -1.154  -3.579  1.00 0.00 ? 6  DT  A H6     1 
HETATM 187 C C4     . XPB A 1 7  ? 4.305   -1.811  2.076   1.00 0.00 ? 7  XPB A C4     1 
HETATM 188 C C5     . XPB A 1 7  ? 3.971   -2.919  1.272   1.00 0.00 ? 7  XPB A C5     1 
HETATM 189 C C6     . XPB A 1 7  ? 2.611   -3.297  1.337   1.00 0.00 ? 7  XPB A C6     1 
HETATM 190 N N1     . XPB A 1 7  ? 1.772   -2.613  2.110   1.00 0.00 ? 7  XPB A N1     1 
HETATM 191 C C8     . XPB A 1 7  ? 6.061   -2.599  0.977   1.00 0.00 ? 7  XPB A C8     1 
HETATM 192 N N2     . XPB A 1 7  ? 1.303   -0.877  3.547   1.00 0.00 ? 7  XPB A N2     1 
HETATM 193 C C10    . XPB A 1 7  ? 1.527   -4.122  -0.646  1.00 0.00 ? 7  XPB A C10    1 
HETATM 194 O O6     . XPB A 1 7  ? 2.042   -4.322  0.684   1.00 0.00 ? 7  XPB A O6     1 
HETATM 195 C C11    . XPB A 1 7  ? 0.027   -3.916  -0.512  1.00 0.00 ? 7  XPB A C11    1 
HETATM 196 C C12    . XPB A 1 7  ? -0.747  -4.819  -1.472  1.00 0.00 ? 7  XPB A C12    1 
HETATM 197 N N3     . XPB A 1 7  ? 3.502   -1.100  2.864   1.00 0.00 ? 7  XPB A N3     1 
HETATM 198 C C13    . XPB A 1 7  ? -2.195  -5.039  -1.048  1.00 0.00 ? 7  XPB A C13    1 
HETATM 199 C C14    . XPB A 1 7  ? -3.076  -5.897  -1.907  1.00 0.00 ? 7  XPB A C14    1 
HETATM 200 C C15    . XPB A 1 7  ? -4.402  -6.119  -1.505  1.00 0.00 ? 7  XPB A C15    1 
HETATM 201 P P      . XPB A 1 7  ? 10.116  -0.871  -1.159  1.00 0.00 ? 7  XPB A P      1 
HETATM 202 O OP1    . XPB A 1 7  ? 11.548  -0.505  -1.220  1.00 0.00 ? 7  XPB A OP1    1 
HETATM 203 O OP2    . XPB A 1 7  ? 9.951   -2.279  -1.586  1.00 0.00 ? 7  XPB A OP2    1 
HETATM 204 O "O5'"  . XPB A 1 7  ? 9.443   -0.557  0.258   1.00 0.00 ? 7  XPB A "O5'"  1 
HETATM 205 C "C5'"  . XPB A 1 7  ? 9.204   0.797   0.687   1.00 0.00 ? 7  XPB A "C5'"  1 
HETATM 206 C "C4'"  . XPB A 1 7  ? 8.265   0.806   1.869   1.00 0.00 ? 7  XPB A "C4'"  1 
HETATM 207 O "O4'"  . XPB A 1 7  ? 6.985   0.242   1.474   1.00 0.00 ? 7  XPB A "O4'"  1 
HETATM 208 C "C3'"  . XPB A 1 7  ? 8.697   -0.036  3.066   1.00 0.00 ? 7  XPB A "C3'"  1 
HETATM 209 O "O3'"  . XPB A 1 7  ? 8.646   0.797   4.229   1.00 0.00 ? 7  XPB A "O3'"  1 
HETATM 210 C "C2'"  . XPB A 1 7  ? 7.667   -1.145  3.240   1.00 0.00 ? 7  XPB A "C2'"  1 
HETATM 211 C "C1'"  . XPB A 1 7  ? 6.461   -0.586  2.502   1.00 0.00 ? 7  XPB A "C1'"  1 
HETATM 212 N N9     . XPB A 1 7  ? 5.652   -1.625  1.871   1.00 0.00 ? 7  XPB A N9     1 
HETATM 213 N N7     . XPB A 1 7  ? 5.095   -3.390  0.596   1.00 0.00 ? 7  XPB A N7     1 
HETATM 214 C C2     . XPB A 1 7  ? 2.238   -1.563  2.817   1.00 0.00 ? 7  XPB A C2     1 
HETATM 215 C C16    . XPB A 1 7  ? -5.222  -6.914  -2.294  1.00 0.00 ? 7  XPB A C16    1 
HETATM 216 C C17    . XPB A 1 7  ? -4.691  -7.462  -3.464  1.00 0.00 ? 7  XPB A C17    1 
HETATM 217 N "N1'"  . XPB A 1 7  ? -3.430  -7.266  -3.872  1.00 0.00 ? 7  XPB A "N1'"  1 
HETATM 218 C C18    . XPB A 1 7  ? -2.652  -6.499  -3.100  1.00 0.00 ? 7  XPB A C18    1 
HETATM 219 O O13    . XPB A 1 7  ? -2.640  -4.530  -0.032  1.00 0.00 ? 7  XPB A O13    1 
HETATM 220 H H8     . XPB A 1 7  ? 7.090   -2.668  0.650   1.00 0.00 ? 7  XPB A H8     1 
HETATM 221 H H22    . XPB A 1 7  ? 1.636   -0.076  4.063   1.00 0.00 ? 7  XPB A H22    1 
HETATM 222 H H21    . XPB A 1 7  ? 0.359   -1.234  3.505   1.00 0.00 ? 7  XPB A H21    1 
HETATM 223 H H10    . XPB A 1 7  ? 2.002   -3.243  -1.095  1.00 0.00 ? 7  XPB A H10    1 
HETATM 224 H H7     . XPB A 1 7  ? 1.744   -5.004  -1.260  1.00 0.00 ? 7  XPB A H7     1 
HETATM 225 H H11    . XPB A 1 7  ? -0.286  -4.148  0.512   1.00 0.00 ? 7  XPB A H11    1 
HETATM 226 H H9     . XPB A 1 7  ? -0.223  -2.873  -0.739  1.00 0.00 ? 7  XPB A H9     1 
HETATM 227 H H12    . XPB A 1 7  ? -0.771  -4.385  -2.482  1.00 0.00 ? 7  XPB A H12    1 
HETATM 228 H H13    . XPB A 1 7  ? -0.277  -5.813  -1.537  1.00 0.00 ? 7  XPB A H13    1 
HETATM 229 H H15    . XPB A 1 7  ? -4.751  -5.662  -0.583  1.00 0.00 ? 7  XPB A H15    1 
HETATM 230 H "H5'"  . XPB A 1 7  ? 8.794   1.318   -0.062  1.00 0.00 ? 7  XPB A "H5'"  1 
HETATM 231 H "H5''" . XPB A 1 7  ? 10.071  1.220   0.951   1.00 0.00 ? 7  XPB A "H5''" 1 
HETATM 232 H "H4'"  . XPB A 1 7  ? 8.164   1.742   2.209   1.00 0.00 ? 7  XPB A "H4'"  1 
HETATM 233 H "H3'"  . XPB A 1 7  ? 9.629   -0.370  2.921   1.00 0.00 ? 7  XPB A "H3'"  1 
HETATM 234 H "H2''" . XPB A 1 7  ? 7.492   -1.291  4.213   1.00 0.00 ? 7  XPB A "H2''" 1 
HETATM 235 H "H2'"  . XPB A 1 7  ? 8.015   -1.990  2.833   1.00 0.00 ? 7  XPB A "H2'"  1 
HETATM 236 H "H1'"  . XPB A 1 7  ? 5.898   -0.036  3.119   1.00 0.00 ? 7  XPB A "H1'"  1 
HETATM 237 H H16    . XPB A 1 7  ? -6.254  -7.108  -2.017  1.00 0.00 ? 7  XPB A H16    1 
HETATM 238 H H17    . XPB A 1 7  ? -5.307  -8.091  -4.107  1.00 0.00 ? 7  XPB A H17    1 
HETATM 239 H H18    . XPB A 1 7  ? -1.635  -6.362  -3.460  1.00 0.00 ? 7  XPB A H18    1 
ATOM   240 P P      . DG  A 1 8  ? 9.143   0.265   5.654   1.00 0.00 ? 8  DG  A P      1 
ATOM   241 O OP1    . DG  A 1 8  ? 10.070  1.250   6.256   1.00 0.00 ? 8  DG  A OP1    1 
ATOM   242 O OP2    . DG  A 1 8  ? 9.845   -1.027  5.484   1.00 0.00 ? 8  DG  A OP2    1 
ATOM   243 O "O5'"  . DG  A 1 8  ? 7.759   0.134   6.444   1.00 0.00 ? 8  DG  A "O5'"  1 
ATOM   244 C "C5'"  . DG  A 1 8  ? 6.878   1.262   6.598   1.00 0.00 ? 8  DG  A "C5'"  1 
ATOM   245 C "C4'"  . DG  A 1 8  ? 5.785   0.933   7.587   1.00 0.00 ? 8  DG  A "C4'"  1 
ATOM   246 O "O4'"  . DG  A 1 8  ? 4.749   0.150   6.930   1.00 0.00 ? 8  DG  A "O4'"  1 
ATOM   247 C "C3'"  . DG  A 1 8  ? 6.191   0.060   8.770   1.00 0.00 ? 8  DG  A "C3'"  1 
ATOM   248 O "O3'"  . DG  A 1 8  ? 5.390   0.431   9.895   1.00 0.00 ? 8  DG  A "O3'"  1 
ATOM   249 C "C2'"  . DG  A 1 8  ? 5.832   -1.369  8.379   1.00 0.00 ? 8  DG  A "C2'"  1 
ATOM   250 C "C1'"  . DG  A 1 8  ? 4.588   -1.123  7.538   1.00 0.00 ? 8  DG  A "C1'"  1 
ATOM   251 N N9     . DG  A 1 8  ? 4.432   -2.106  6.470   1.00 0.00 ? 8  DG  A N9     1 
ATOM   252 C C8     . DG  A 1 8  ? 5.393   -2.629  5.714   1.00 0.00 ? 8  DG  A C8     1 
ATOM   253 N N7     . DG  A 1 8  ? 4.871   -3.490  4.845   1.00 0.00 ? 8  DG  A N7     1 
ATOM   254 C C5     . DG  A 1 8  ? 3.507   -3.529  5.050   1.00 0.00 ? 8  DG  A C5     1 
ATOM   255 C C6     . DG  A 1 8  ? 2.444   -4.247  4.440   1.00 0.00 ? 8  DG  A C6     1 
ATOM   256 O O6     . DG  A 1 8  ? 2.494   -5.062  3.521   1.00 0.00 ? 8  DG  A O6     1 
ATOM   257 N N1     . DG  A 1 8  ? 1.228   -3.919  5.025   1.00 0.00 ? 8  DG  A N1     1 
ATOM   258 C C2     . DG  A 1 8  ? 1.051   -3.035  6.044   1.00 0.00 ? 8  DG  A C2     1 
ATOM   259 N N2     . DG  A 1 8  ? -0.213  -2.867  6.458   1.00 0.00 ? 8  DG  A N2     1 
ATOM   260 N N3     . DG  A 1 8  ? 2.043   -2.370  6.607   1.00 0.00 ? 8  DG  A N3     1 
ATOM   261 C C4     . DG  A 1 8  ? 3.231   -2.658  6.071   1.00 0.00 ? 8  DG  A C4     1 
ATOM   262 H "H5'"  . DG  A 1 8  ? 6.465   1.486   5.715   1.00 0.00 ? 8  DG  A "H5'"  1 
ATOM   263 H "H5''" . DG  A 1 8  ? 7.397   2.049   6.932   1.00 0.00 ? 8  DG  A "H5''" 1 
ATOM   264 H "H4'"  . DG  A 1 8  ? 5.423   1.779   7.980   1.00 0.00 ? 8  DG  A "H4'"  1 
ATOM   265 H "H3'"  . DG  A 1 8  ? 7.159   0.205   8.975   1.00 0.00 ? 8  DG  A "H3'"  1 
ATOM   266 H "H2'"  . DG  A 1 8  ? 6.588   -1.777  7.868   1.00 0.00 ? 8  DG  A "H2'"  1 
ATOM   267 H "H2''" . DG  A 1 8  ? 5.659   -1.907  9.203   1.00 0.00 ? 8  DG  A "H2''" 1 
ATOM   268 H "H1'"  . DG  A 1 8  ? 3.777   -1.113  8.124   1.00 0.00 ? 8  DG  A "H1'"  1 
ATOM   269 H H8     . DG  A 1 8  ? 6.365   -2.406  5.786   1.00 0.00 ? 8  DG  A H8     1 
ATOM   270 H H1     . DG  A 1 8  ? 0.411   -4.373  4.667   1.00 0.00 ? 8  DG  A H1     1 
ATOM   271 H H21    . DG  A 1 8  ? -0.413  -2.233  7.204   1.00 0.00 ? 8  DG  A H21    1 
ATOM   272 H H22    . DG  A 1 8  ? -0.954  -3.378  6.022   1.00 0.00 ? 8  DG  A H22    1 
ATOM   273 P P      . DC  A 1 9  ? 5.653   -0.193  11.345  1.00 0.00 ? 9  DC  A P      1 
ATOM   274 O OP1    . DC  A 1 9  ? 5.885   0.896   12.318  1.00 0.00 ? 9  DC  A OP1    1 
ATOM   275 O OP2    . DC  A 1 9  ? 6.845   -1.070  11.297  1.00 0.00 ? 9  DC  A OP2    1 
ATOM   276 O "O5'"  . DC  A 1 9  ? 4.290   -0.990  11.598  1.00 0.00 ? 9  DC  A "O5'"  1 
ATOM   277 C "C5'"  . DC  A 1 9  ? 3.024   -0.306  11.649  1.00 0.00 ? 9  DC  A "C5'"  1 
ATOM   278 C "C4'"  . DC  A 1 9  ? 1.893   -1.304  11.582  1.00 0.00 ? 9  DC  A "C4'"  1 
ATOM   279 O "O4'"  . DC  A 1 9  ? 1.935   -1.993  10.301  1.00 0.00 ? 9  DC  A "O4'"  1 
ATOM   280 C "C3'"  . DC  A 1 9  ? 1.933   -2.425  12.615  1.00 0.00 ? 9  DC  A "C3'"  1 
ATOM   281 O "O3'"  . DC  A 1 9  ? 0.657   -2.476  13.257  1.00 0.00 ? 9  DC  A "O3'"  1 
ATOM   282 C "C2'"  . DC  A 1 9  ? 2.132   -3.736  11.861  1.00 0.00 ? 9  DC  A "C2'"  1 
ATOM   283 C "C1'"  . DC  A 1 9  ? 1.656   -3.377  10.464  1.00 0.00 ? 9  DC  A "C1'"  1 
ATOM   284 N N1     . DC  A 1 9  ? 2.373   -4.103  9.420   1.00 0.00 ? 9  DC  A N1     1 
ATOM   285 C C2     . DC  A 1 9  ? 1.693   -4.889  8.526   1.00 0.00 ? 9  DC  A C2     1 
ATOM   286 O O2     . DC  A 1 9  ? 0.440   -4.987  8.606   1.00 0.00 ? 9  DC  A O2     1 
ATOM   287 N N3     . DC  A 1 9  ? 2.309   -5.552  7.579   1.00 0.00 ? 9  DC  A N3     1 
ATOM   288 C C4     . DC  A 1 9  ? 3.672   -5.455  7.480   1.00 0.00 ? 9  DC  A C4     1 
ATOM   289 N N4     . DC  A 1 9  ? 4.268   -6.138  6.508   1.00 0.00 ? 9  DC  A N4     1 
ATOM   290 C C5     . DC  A 1 9  ? 4.429   -4.648  8.387   1.00 0.00 ? 9  DC  A C5     1 
ATOM   291 C C6     . DC  A 1 9  ? 3.727   -3.994  9.336   1.00 0.00 ? 9  DC  A C6     1 
ATOM   292 H "H5'"  . DC  A 1 9  ? 2.953   0.323   10.876  1.00 0.00 ? 9  DC  A "H5'"  1 
ATOM   293 H "H5''" . DC  A 1 9  ? 2.957   0.209   12.505  1.00 0.00 ? 9  DC  A "H5''" 1 
ATOM   294 H "H4'"  . DC  A 1 9  ? 1.023   -0.832  11.717  1.00 0.00 ? 9  DC  A "H4'"  1 
ATOM   295 H "H3'"  . DC  A 1 9  ? 2.651   -2.235  13.286  1.00 0.00 ? 9  DC  A "H3'"  1 
ATOM   296 H "H2'"  . DC  A 1 9  ? 3.097   -3.995  11.891  1.00 0.00 ? 9  DC  A "H2'"  1 
ATOM   297 H "H2''" . DC  A 1 9  ? 1.582   -4.453  12.289  1.00 0.00 ? 9  DC  A "H2''" 1 
ATOM   298 H "H1'"  . DC  A 1 9  ? 0.672   -3.532  10.379  1.00 0.00 ? 9  DC  A "H1'"  1 
ATOM   299 H H41    . DC  A 1 9  ? 5.262   -6.095  6.402   1.00 0.00 ? 9  DC  A H41    1 
ATOM   300 H H42    . DC  A 1 9  ? 3.723   -6.698  5.884   1.00 0.00 ? 9  DC  A H42    1 
ATOM   301 H H5     . DC  A 1 9  ? 5.423   -4.572  8.320   1.00 0.00 ? 9  DC  A H5     1 
ATOM   302 H H6     . DC  A 1 9  ? 4.212   -3.417  9.993   1.00 0.00 ? 9  DC  A H6     1 
ATOM   303 P P      . DC  A 1 10 ? 0.396   -3.434  14.512  1.00 0.00 ? 10 DC  A P      1 
ATOM   304 O OP1    . DC  A 1 10 ? -0.484  -2.748  15.485  1.00 0.00 ? 10 DC  A OP1    1 
ATOM   305 O OP2    . DC  A 1 10 ? 1.685   -3.762  15.162  1.00 0.00 ? 10 DC  A OP2    1 
ATOM   306 O "O5'"  . DC  A 1 10 ? -0.298  -4.693  13.810  1.00 0.00 ? 10 DC  A "O5'"  1 
ATOM   307 C "C5'"  . DC  A 1 10 ? -1.598  -4.584  13.201  1.00 0.00 ? 10 DC  A "C5'"  1 
ATOM   308 C "C4'"  . DC  A 1 10 ? -1.890  -5.818  12.382  1.00 0.00 ? 10 DC  A "C4'"  1 
ATOM   309 O "O4'"  . DC  A 1 10 ? -0.905  -5.920  11.315  1.00 0.00 ? 10 DC  A "O4'"  1 
ATOM   310 C "C3'"  . DC  A 1 10 ? -1.822  -7.140  13.141  1.00 0.00 ? 10 DC  A "C3'"  1 
ATOM   311 O "O3'"  . DC  A 1 10 ? -3.150  -7.564  13.459  1.00 0.00 ? 10 DC  A "O3'"  1 
ATOM   312 C "C2'"  . DC  A 1 10 ? -1.238  -8.075  12.087  1.00 0.00 ? 10 DC  A "C2'"  1 
ATOM   313 C "C1'"  . DC  A 1 10 ? -0.935  -7.259  10.841  1.00 0.00 ? 10 DC  A "C1'"  1 
ATOM   314 N N1     . DC  A 1 10 ? 0.364   -7.567  10.252  1.00 0.00 ? 10 DC  A N1     1 
ATOM   315 C C2     . DC  A 1 10 ? 0.452   -8.371  9.144   1.00 0.00 ? 10 DC  A C2     1 
ATOM   316 O O2     . DC  A 1 10 ? -0.594  -8.846  8.630   1.00 0.00 ? 10 DC  A O2     1 
ATOM   317 N N3     . DC  A 1 10 ? 1.605   -8.666  8.592   1.00 0.00 ? 10 DC  A N3     1 
ATOM   318 C C4     . DC  A 1 10 ? 2.751   -8.155  9.141   1.00 0.00 ? 10 DC  A C4     1 
ATOM   319 N N4     . DC  A 1 10 ? 3.905   -8.472  8.560   1.00 0.00 ? 10 DC  A N4     1 
ATOM   320 C C5     . DC  A 1 10 ? 2.713   -7.312  10.296  1.00 0.00 ? 10 DC  A C5     1 
ATOM   321 C C6     . DC  A 1 10 ? 1.493   -7.052  10.810  1.00 0.00 ? 10 DC  A C6     1 
ATOM   322 H "H5'"  . DC  A 1 10 ? -1.622  -3.781  12.605  1.00 0.00 ? 10 DC  A "H5'"  1 
ATOM   323 H "H5''" . DC  A 1 10 ? -2.295  -4.490  13.912  1.00 0.00 ? 10 DC  A "H5''" 1 
ATOM   324 H "H4'"  . DC  A 1 10 ? -2.814  -5.758  12.003  1.00 0.00 ? 10 DC  A "H4'"  1 
ATOM   325 H "H3'"  . DC  A 1 10 ? -1.297  -7.014  13.982  1.00 0.00 ? 10 DC  A "H3'"  1 
ATOM   326 H "H2'"  . DC  A 1 10 ? -0.399  -8.490  12.437  1.00 0.00 ? 10 DC  A "H2'"  1 
ATOM   327 H "H2''" . DC  A 1 10 ? -1.900  -8.793  11.874  1.00 0.00 ? 10 DC  A "H2''" 1 
ATOM   328 H "H1'"  . DC  A 1 10 ? -1.654  -7.353  10.152  1.00 0.00 ? 10 DC  A "H1'"  1 
ATOM   329 H H41    . DC  A 1 10 ? 4.764   -8.119  8.930   1.00 0.00 ? 10 DC  A H41    1 
ATOM   330 H H42    . DC  A 1 10 ? 3.911   -9.063  7.753   1.00 0.00 ? 10 DC  A H42    1 
ATOM   331 H H5     . DC  A 1 10 ? 3.547   -6.936  10.702  1.00 0.00 ? 10 DC  A H5     1 
ATOM   332 H H6     . DC  A 1 10 ? 1.415   -6.467  11.617  1.00 0.00 ? 10 DC  A H6     1 
ATOM   333 P P      . DC  A 1 11 ? -3.414  -8.889  14.318  1.00 0.00 ? 11 DC  A P      1 
ATOM   334 O OP1    . DC  A 1 11 ? -4.665  -8.735  15.094  1.00 0.00 ? 11 DC  A OP1    1 
ATOM   335 O OP2    . DC  A 1 11 ? -2.285  -9.112  15.247  1.00 0.00 ? 11 DC  A OP2    1 
ATOM   336 O "O5'"  . DC  A 1 11 ? -3.515  -9.996  13.168  1.00 0.00 ? 11 DC  A "O5'"  1 
ATOM   337 C "C5'"  . DC  A 1 11 ? -4.451  -9.860  12.082  1.00 0.00 ? 11 DC  A "C5'"  1 
ATOM   338 C "C4'"  . DC  A 1 11 ? -4.259  -10.984 11.091  1.00 0.00 ? 11 DC  A "C4'"  1 
ATOM   339 O "O4'"  . DC  A 1 11 ? -2.972  -10.833 10.429  1.00 0.00 ? 11 DC  A "O4'"  1 
ATOM   340 C "C3'"  . DC  A 1 11 ? -4.206  -12.390 11.678  1.00 0.00 ? 11 DC  A "C3'"  1 
ATOM   341 O "O3'"  . DC  A 1 11 ? -5.028  -13.234 10.870  1.00 0.00 ? 11 DC  A "O3'"  1 
ATOM   342 C "C2'"  . DC  A 1 11 ? -2.768  -12.885 11.559  1.00 0.00 ? 11 DC  A "C2'"  1 
ATOM   343 C "C1'"  . DC  A 1 11 ? -2.265  -12.062 10.384  1.00 0.00 ? 11 DC  A "C1'"  1 
ATOM   344 N N1     . DC  A 1 11 ? -0.841  -11.761 10.477  1.00 0.00 ? 11 DC  A N1     1 
ATOM   345 C C2     . DC  A 1 11 ? 0.027   -12.192 9.506   1.00 0.00 ? 11 DC  A C2     1 
ATOM   346 O O2     . DC  A 1 11 ? -0.409  -12.853 8.525   1.00 0.00 ? 11 DC  A O2     1 
ATOM   347 N N3     . DC  A 1 11 ? 1.310   -11.937 9.561   1.00 0.00 ? 11 DC  A N3     1 
ATOM   348 C C4     . DC  A 1 11 ? 1.797   -11.219 10.622  1.00 0.00 ? 11 DC  A C4     1 
ATOM   349 N N4     . DC  A 1 11 ? 3.105   -10.976 10.650  1.00 0.00 ? 11 DC  A N4     1 
ATOM   350 C C5     . DC  A 1 11 ? 0.936   -10.748 11.660  1.00 0.00 ? 11 DC  A C5     1 
ATOM   351 C C6     . DC  A 1 11 ? -0.374  -11.048 11.536  1.00 0.00 ? 11 DC  A C6     1 
ATOM   352 H "H5'"  . DC  A 1 11 ? -4.303  -8.985  11.620  1.00 0.00 ? 11 DC  A "H5'"  1 
ATOM   353 H "H5''" . DC  A 1 11 ? -5.385  -9.894  12.439  1.00 0.00 ? 11 DC  A "H5''" 1 
ATOM   354 H "H4'"  . DC  A 1 11 ? -5.016  -10.985 10.437  1.00 0.00 ? 11 DC  A "H4'"  1 
ATOM   355 H "H3'"  . DC  A 1 11 ? -4.546  -12.372 12.617  1.00 0.00 ? 11 DC  A "H3'"  1 
ATOM   356 H "HO3'" . DC  A 1 11 ? -5.103  -14.090 11.381  1.00 0.00 ? 11 DC  A "HO3'" 1 
ATOM   357 H "H2'"  . DC  A 1 11 ? -2.280  -12.699 12.411  1.00 0.00 ? 11 DC  A "H2'"  1 
ATOM   358 H "H2''" . DC  A 1 11 ? -2.768  -13.870 11.384  1.00 0.00 ? 11 DC  A "H2''" 1 
ATOM   359 H "H1'"  . DC  A 1 11 ? -2.466  -12.531 9.524   1.00 0.00 ? 11 DC  A "H1'"  1 
ATOM   360 H H41    . DC  A 1 11 ? 3.500   -10.457 11.407  1.00 0.00 ? 11 DC  A H41    1 
ATOM   361 H H42    . DC  A 1 11 ? 3.692   -11.315 9.915   1.00 0.00 ? 11 DC  A H42    1 
ATOM   362 H H5     . DC  A 1 11 ? 1.285   -10.223 12.437  1.00 0.00 ? 11 DC  A H5     1 
ATOM   363 H H6     . DC  A 1 11 ? -1.016  -10.739 12.238  1.00 0.00 ? 11 DC  A H6     1 
ATOM   364 O "O5'"  . DG  B 2 1  ? 8.798   -15.991 3.446   1.00 0.00 ? 12 DG  B "O5'"  1 
ATOM   365 C "C5'"  . DG  B 2 1  ? 8.265   -17.282 3.098   1.00 0.00 ? 12 DG  B "C5'"  1 
ATOM   366 C "C4'"  . DG  B 2 1  ? 6.784   -17.174 2.825   1.00 0.00 ? 12 DG  B "C4'"  1 
ATOM   367 O "O4'"  . DG  B 2 1  ? 6.100   -16.693 4.016   1.00 0.00 ? 12 DG  B "O4'"  1 
ATOM   368 C "C3'"  . DG  B 2 1  ? 6.371   -16.172 1.752   1.00 0.00 ? 12 DG  B "C3'"  1 
ATOM   369 O "O3'"  . DG  B 2 1  ? 5.206   -16.674 1.096   1.00 0.00 ? 12 DG  B "O3'"  1 
ATOM   370 C "C2'"  . DG  B 2 1  ? 5.987   -14.893 2.491   1.00 0.00 ? 12 DG  B "C2'"  1 
ATOM   371 C "C1'"  . DG  B 2 1  ? 5.407   -15.478 3.771   1.00 0.00 ? 12 DG  B "C1'"  1 
ATOM   372 N N9     . DG  B 2 1  ? 5.616   -14.610 4.925   1.00 0.00 ? 12 DG  B N9     1 
ATOM   373 C C8     . DG  B 2 1  ? 6.773   -14.115 5.359   1.00 0.00 ? 12 DG  B C8     1 
ATOM   374 N N7     . DG  B 2 1  ? 6.569   -13.365 6.440   1.00 0.00 ? 12 DG  B N7     1 
ATOM   375 C C5     . DG  B 2 1  ? 5.218   -13.375 6.718   1.00 0.00 ? 12 DG  B C5     1 
ATOM   376 C C6     . DG  B 2 1  ? 4.422   -12.771 7.726   1.00 0.00 ? 12 DG  B C6     1 
ATOM   377 O O6     . DG  B 2 1  ? 4.774   -12.044 8.655   1.00 0.00 ? 12 DG  B O6     1 
ATOM   378 N N1     . DG  B 2 1  ? 3.081   -13.101 7.560   1.00 0.00 ? 12 DG  B N1     1 
ATOM   379 C C2     . DG  B 2 1  ? 2.577   -13.891 6.575   1.00 0.00 ? 12 DG  B C2     1 
ATOM   380 N N2     . DG  B 2 1  ? 1.250   -14.079 6.601   1.00 0.00 ? 12 DG  B N2     1 
ATOM   381 N N3     . DG  B 2 1  ? 3.322   -14.450 5.640   1.00 0.00 ? 12 DG  B N3     1 
ATOM   382 C C4     . DG  B 2 1  ? 4.618   -14.157 5.766   1.00 0.00 ? 12 DG  B C4     1 
ATOM   383 H "H5'"  . DG  B 2 1  ? 8.413   -17.921 3.854   1.00 0.00 ? 12 DG  B "H5'"  1 
ATOM   384 H "H5''" . DG  B 2 1  ? 8.726   -17.626 2.280   1.00 0.00 ? 12 DG  B "H5''" 1 
ATOM   385 H "H4'"  . DG  B 2 1  ? 6.434   -18.062 2.522   1.00 0.00 ? 12 DG  B "H4'"  1 
ATOM   386 H "H3'"  . DG  B 2 1  ? 7.116   -16.061 1.094   1.00 0.00 ? 12 DG  B "H3'"  1 
ATOM   387 H "H2'"  . DG  B 2 1  ? 6.802   -14.334 2.638   1.00 0.00 ? 12 DG  B "H2'"  1 
ATOM   388 H "H2''" . DG  B 2 1  ? 5.322   -14.380 1.947   1.00 0.00 ? 12 DG  B "H2''" 1 
ATOM   389 H "H1'"  . DG  B 2 1  ? 4.433   -15.667 3.648   1.00 0.00 ? 12 DG  B "H1'"  1 
ATOM   390 H H8     . DG  B 2 1  ? 7.663   -14.282 4.936   1.00 0.00 ? 12 DG  B H8     1 
ATOM   391 H H1     . DG  B 2 1  ? 2.433   -12.723 8.221   1.00 0.00 ? 12 DG  B H1     1 
ATOM   392 H H21    . DG  B 2 1  ? 0.813   -14.650 5.906   1.00 0.00 ? 12 DG  B H21    1 
ATOM   393 H H22    . DG  B 2 1  ? 0.698   -13.649 7.315   1.00 0.00 ? 12 DG  B H22    1 
ATOM   394 H "HO5'" . DG  B 2 1  ? 9.769   -16.150 3.617   1.00 0.00 ? 12 DG  B "HO5'" 1 
ATOM   395 P P      . DG  B 2 2  ? 4.537   -15.890 -0.128  1.00 0.00 ? 13 DG  B P      1 
ATOM   396 O OP1    . DG  B 2 2  ? 4.374   -16.806 -1.277  1.00 0.00 ? 13 DG  B OP1    1 
ATOM   397 O OP2    . DG  B 2 2  ? 5.401   -14.756 -0.523  1.00 0.00 ? 13 DG  B OP2    1 
ATOM   398 O "O5'"  . DG  B 2 2  ? 3.145   -15.429 0.517   1.00 0.00 ? 13 DG  B "O5'"  1 
ATOM   399 C "C5'"  . DG  B 2 2  ? 2.116   -16.387 0.828   1.00 0.00 ? 13 DG  B "C5'"  1 
ATOM   400 C "C4'"  . DG  B 2 2  ? 0.874   -15.672 1.306   1.00 0.00 ? 13 DG  B "C4'"  1 
ATOM   401 O "O4'"  . DG  B 2 2  ? 1.166   -14.950 2.535   1.00 0.00 ? 13 DG  B "O4'"  1 
ATOM   402 C "C3'"  . DG  B 2 2  ? 0.328   -14.589 0.380   1.00 0.00 ? 13 DG  B "C3'"  1 
ATOM   403 O "O3'"  . DG  B 2 2  ? -1.100  -14.632 0.446   1.00 0.00 ? 13 DG  B "O3'"  1 
ATOM   404 C "C2'"  . DG  B 2 2  ? 0.784   -13.249 0.946   1.00 0.00 ? 13 DG  B "C2'"  1 
ATOM   405 C "C1'"  . DG  B 2 2  ? 0.827   -13.576 2.430   1.00 0.00 ? 13 DG  B "C1'"  1 
ATOM   406 N N9     . DG  B 2 2  ? 1.846   -12.813 3.144   1.00 0.00 ? 13 DG  B N9     1 
ATOM   407 C C8     . DG  B 2 2  ? 3.145   -12.755 2.865   1.00 0.00 ? 13 DG  B C8     1 
ATOM   408 N N7     . DG  B 2 2  ? 3.761   -11.958 3.733   1.00 0.00 ? 13 DG  B N7     1 
ATOM   409 C C5     . DG  B 2 2  ? 2.816   -11.477 4.616   1.00 0.00 ? 13 DG  B C5     1 
ATOM   410 C C6     . DG  B 2 2  ? 2.874   -10.605 5.736   1.00 0.00 ? 13 DG  B C6     1 
ATOM   411 O O6     . DG  B 2 2  ? 3.851   -10.031 6.214   1.00 0.00 ? 13 DG  B O6     1 
ATOM   412 N N1     . DG  B 2 2  ? 1.615   -10.437 6.297   1.00 0.00 ? 13 DG  B N1     1 
ATOM   413 C C2     . DG  B 2 2  ? 0.467   -11.018 5.855   1.00 0.00 ? 13 DG  B C2     1 
ATOM   414 N N2     . DG  B 2 2  ? -0.642  -10.719 6.545   1.00 0.00 ? 13 DG  B N2     1 
ATOM   415 N N3     . DG  B 2 2  ? 0.419   -11.828 4.815   1.00 0.00 ? 13 DG  B N3     1 
ATOM   416 C C4     . DG  B 2 2  ? 1.612   -12.016 4.245   1.00 0.00 ? 13 DG  B C4     1 
ATOM   417 H "H5'"  . DG  B 2 2  ? 2.439   -16.999 1.550   1.00 0.00 ? 13 DG  B "H5'"  1 
ATOM   418 H "H5''" . DG  B 2 2  ? 1.896   -16.920 0.012   1.00 0.00 ? 13 DG  B "H5''" 1 
ATOM   419 H "H4'"  . DG  B 2 2  ? 0.133   -16.334 1.424   1.00 0.00 ? 13 DG  B "H4'"  1 
ATOM   420 H "H3'"  . DG  B 2 2  ? 0.635   -14.762 -0.555  1.00 0.00 ? 13 DG  B "H3'"  1 
ATOM   421 H "H2'"  . DG  B 2 2  ? 1.676   -13.010 0.561   1.00 0.00 ? 13 DG  B "H2'"  1 
ATOM   422 H "H2''" . DG  B 2 2  ? 0.119   -12.542 0.709   1.00 0.00 ? 13 DG  B "H2''" 1 
ATOM   423 H "H1'"  . DG  B 2 2  ? -0.074  -13.422 2.840   1.00 0.00 ? 13 DG  B "H1'"  1 
ATOM   424 H H8     . DG  B 2 2  ? 3.594   -13.239 2.114   1.00 0.00 ? 13 DG  B H8     1 
ATOM   425 H H1     . DG  B 2 2  ? 1.546   -9.838  7.094   1.00 0.00 ? 13 DG  B H1     1 
ATOM   426 H H21    . DG  B 2 2  ? -1.520  -11.112 6.276   1.00 0.00 ? 13 DG  B H21    1 
ATOM   427 H H22    . DG  B 2 2  ? -0.591  -10.104 7.333   1.00 0.00 ? 13 DG  B H22    1 
ATOM   428 P P      . DG  B 2 3  ? -2.002  -13.632 -0.420  1.00 0.00 ? 14 DG  B P      1 
ATOM   429 O OP1    . DG  B 2 3  ? -3.129  -14.376 -1.024  1.00 0.00 ? 14 DG  B OP1    1 
ATOM   430 O OP2    . DG  B 2 3  ? -1.182  -13.026 -1.493  1.00 0.00 ? 14 DG  B OP2    1 
ATOM   431 O "O5'"  . DG  B 2 3  ? -2.463  -12.580 0.695   1.00 0.00 ? 14 DG  B "O5'"  1 
ATOM   432 C "C5'"  . DG  B 2 3  ? -3.203  -12.999 1.857   1.00 0.00 ? 14 DG  B "C5'"  1 
ATOM   433 C "C4'"  . DG  B 2 3  ? -3.806  -11.800 2.545   1.00 0.00 ? 14 DG  B "C4'"  1 
ATOM   434 O "O4'"  . DG  B 2 3  ? -2.804  -11.164 3.387   1.00 0.00 ? 14 DG  B "O4'"  1 
ATOM   435 C "C3'"  . DG  B 2 3  ? -4.274  -10.668 1.636   1.00 0.00 ? 14 DG  B "C3'"  1 
ATOM   436 O "O3'"  . DG  B 2 3  ? -5.460  -10.105 2.203   1.00 0.00 ? 14 DG  B "O3'"  1 
ATOM   437 C "C2'"  . DG  B 2 3  ? -3.186  -9.600  1.664   1.00 0.00 ? 14 DG  B "C2'"  1 
ATOM   438 C "C1'"  . DG  B 2 3  ? -2.650  -9.787  3.073   1.00 0.00 ? 14 DG  B "C1'"  1 
ATOM   439 N N9     . DG  B 2 3  ? -1.230  -9.465  3.180   1.00 0.00 ? 14 DG  B N9     1 
ATOM   440 C C8     . DG  B 2 3  ? -0.248  -9.898  2.396   1.00 0.00 ? 14 DG  B C8     1 
ATOM   441 N N7     . DG  B 2 3  ? 0.914   -9.393  2.802   1.00 0.00 ? 14 DG  B N7     1 
ATOM   442 C C5     . DG  B 2 3  ? 0.671   -8.594  3.899   1.00 0.00 ? 14 DG  B C5     1 
ATOM   443 C C6     . DG  B 2 3  ? 1.503   -7.810  4.744   1.00 0.00 ? 14 DG  B C6     1 
ATOM   444 O O6     . DG  B 2 3  ? 2.721   -7.646  4.688   1.00 0.00 ? 14 DG  B O6     1 
ATOM   445 N N1     . DG  B 2 3  ? 0.753   -7.183  5.731   1.00 0.00 ? 14 DG  B N1     1 
ATOM   446 C C2     . DG  B 2 3  ? -0.593  -7.289  5.890   1.00 0.00 ? 14 DG  B C2     1 
ATOM   447 N N2     . DG  B 2 3  ? -1.118  -6.598  6.912   1.00 0.00 ? 14 DG  B N2     1 
ATOM   448 N N3     . DG  B 2 3  ? -1.361  -8.020  5.103   1.00 0.00 ? 14 DG  B N3     1 
ATOM   449 C C4     . DG  B 2 3  ? -0.677  -8.640  4.139   1.00 0.00 ? 14 DG  B C4     1 
ATOM   450 H "H5'"  . DG  B 2 3  ? -2.589  -13.470 2.491   1.00 0.00 ? 14 DG  B "H5'"  1 
ATOM   451 H "H5''" . DG  B 2 3  ? -3.935  -13.622 1.579   1.00 0.00 ? 14 DG  B "H5''" 1 
ATOM   452 H "H4'"  . DG  B 2 3  ? -4.610  -12.083 3.068   1.00 0.00 ? 14 DG  B "H4'"  1 
ATOM   453 H "H3'"  . DG  B 2 3  ? -4.465  -11.031 0.724   1.00 0.00 ? 14 DG  B "H3'"  1 
ATOM   454 H "H2'"  . DG  B 2 3  ? -2.513  -9.789  0.948   1.00 0.00 ? 14 DG  B "H2'"  1 
ATOM   455 H "H2''" . DG  B 2 3  ? -3.596  -8.701  1.504   1.00 0.00 ? 14 DG  B "H2''" 1 
ATOM   456 H "H1'"  . DG  B 2 3  ? -3.182  -9.237  3.717   1.00 0.00 ? 14 DG  B "H1'"  1 
ATOM   457 H H8     . DG  B 2 3  ? -0.365  -10.513 1.616   1.00 0.00 ? 14 DG  B H8     1 
ATOM   458 H H1     . DG  B 2 3  ? 1.245   -6.603  6.381   1.00 0.00 ? 14 DG  B H1     1 
ATOM   459 H H21    . DG  B 2 3  ? -2.102  -6.631  7.087   1.00 0.00 ? 14 DG  B H21    1 
ATOM   460 H H22    . DG  B 2 3  ? -0.524  -6.048  7.499   1.00 0.00 ? 14 DG  B H22    1 
ATOM   461 P P      . DC  B 2 4  ? -6.317  -9.007  1.416   1.00 0.00 ? 15 DC  B P      1 
ATOM   462 O OP1    . DC  B 2 4  ? -7.688  -9.518  1.188   1.00 0.00 ? 15 DC  B OP1    1 
ATOM   463 O OP2    . DC  B 2 4  ? -5.678  -8.719  0.113   1.00 0.00 ? 15 DC  B OP2    1 
ATOM   464 O "O5'"  . DC  B 2 4  ? -6.262  -7.775  2.435   1.00 0.00 ? 15 DC  B "O5'"  1 
ATOM   465 C "C5'"  . DC  B 2 4  ? -6.897  -7.844  3.726   1.00 0.00 ? 15 DC  B "C5'"  1 
ATOM   466 C "C4'"  . DC  B 2 4  ? -6.582  -6.602  4.524   1.00 0.00 ? 15 DC  B "C4'"  1 
ATOM   467 O "O4'"  . DC  B 2 4  ? -5.145  -6.506  4.734   1.00 0.00 ? 15 DC  B "O4'"  1 
ATOM   468 C "C3'"  . DC  B 2 4  ? -6.932  -5.274  3.862   1.00 0.00 ? 15 DC  B "C3'"  1 
ATOM   469 O "O3'"  . DC  B 2 4  ? -7.385  -4.378  4.880   1.00 0.00 ? 15 DC  B "O3'"  1 
ATOM   470 C "C2'"  . DC  B 2 4  ? -5.637  -4.712  3.283   1.00 0.00 ? 15 DC  B "C2'"  1 
ATOM   471 C "C1'"  . DC  B 2 4  ? -4.628  -5.265  4.277   1.00 0.00 ? 15 DC  B "C1'"  1 
ATOM   472 N N1     . DC  B 2 4  ? -3.328  -5.525  3.669   1.00 0.00 ? 15 DC  B N1     1 
ATOM   473 C C2     . DC  B 2 4  ? -2.183  -5.011  4.226   1.00 0.00 ? 15 DC  B C2     1 
ATOM   474 O O2     . DC  B 2 4  ? -2.257  -4.311  5.271   1.00 0.00 ? 15 DC  B O2     1 
ATOM   475 N N3     . DC  B 2 4  ? -1.002  -5.227  3.703   1.00 0.00 ? 15 DC  B N3     1 
ATOM   476 C C4     . DC  B 2 4  ? -0.909  -5.986  2.567   1.00 0.00 ? 15 DC  B C4     1 
ATOM   477 N N4     . DC  B 2 4  ? 0.304   -6.187  2.060   1.00 0.00 ? 15 DC  B N4     1 
ATOM   478 C C5     . DC  B 2 4  ? -2.070  -6.543  1.946   1.00 0.00 ? 15 DC  B C5     1 
ATOM   479 C C6     . DC  B 2 4  ? -3.253  -6.280  2.540   1.00 0.00 ? 15 DC  B C6     1 
ATOM   480 H "H5'"  . DC  B 2 4  ? -6.560  -8.647  4.219   1.00 0.00 ? 15 DC  B "H5'"  1 
ATOM   481 H "H5''" . DC  B 2 4  ? -7.887  -7.916  3.607   1.00 0.00 ? 15 DC  B "H5''" 1 
ATOM   482 H "H4'"  . DC  B 2 4  ? -7.087  -6.623  5.387   1.00 0.00 ? 15 DC  B "H4'"  1 
ATOM   483 H "H3'"  . DC  B 2 4  ? -7.653  -5.418  3.183   1.00 0.00 ? 15 DC  B "H3'"  1 
ATOM   484 H "H2'"  . DC  B 2 4  ? -5.513  -5.053  2.350   1.00 0.00 ? 15 DC  B "H2'"  1 
ATOM   485 H "H2''" . DC  B 2 4  ? -5.684  -3.713  3.269   1.00 0.00 ? 15 DC  B "H2''" 1 
ATOM   486 H "H1'"  . DC  B 2 4  ? -4.532  -4.638  5.050   1.00 0.00 ? 15 DC  B "H1'"  1 
ATOM   487 H H41    . DC  B 2 4  ? 0.415   -6.736  1.232   1.00 0.00 ? 15 DC  B H41    1 
ATOM   488 H H42    . DC  B 2 4  ? 1.105   -5.789  2.508   1.00 0.00 ? 15 DC  B H42    1 
ATOM   489 H H5     . DC  B 2 4  ? -2.009  -7.098  1.117   1.00 0.00 ? 15 DC  B H5     1 
ATOM   490 H H6     . DC  B 2 4  ? -4.095  -6.649  2.143   1.00 0.00 ? 15 DC  B H6     1 
ATOM   491 P P      . DC  B 2 5  ? -8.173  -3.034  4.515   1.00 0.00 ? 16 DC  B P      1 
ATOM   492 O OP1    . DC  B 2 5  ? -9.568  -3.129  4.999   1.00 0.00 ? 16 DC  B OP1    1 
ATOM   493 O OP2    . DC  B 2 5  ? -8.175  -2.843  3.048   1.00 0.00 ? 16 DC  B OP2    1 
ATOM   494 O "O5'"  . DC  B 2 5  ? -7.305  -1.938  5.294   1.00 0.00 ? 16 DC  B "O5'"  1 
ATOM   495 C "C5'"  . DC  B 2 5  ? -7.294  -1.882  6.734   1.00 0.00 ? 16 DC  B "C5'"  1 
ATOM   496 C "C4'"  . DC  B 2 5  ? -6.277  -0.868  7.203   1.00 0.00 ? 16 DC  B "C4'"  1 
ATOM   497 O "O4'"  . DC  B 2 5  ? -4.944  -1.290  6.798   1.00 0.00 ? 16 DC  B "O4'"  1 
ATOM   498 C "C3'"  . DC  B 2 5  ? -6.402  0.531   6.608   1.00 0.00 ? 16 DC  B "C3'"  1 
ATOM   499 O "O3'"  . DC  B 2 5  ? -6.053  1.474   7.623   1.00 0.00 ? 16 DC  B "O3'"  1 
ATOM   500 C "C2'"  . DC  B 2 5  ? -5.365  0.632   5.493   1.00 0.00 ? 16 DC  B "C2'"  1 
ATOM   501 C "C1'"  . DC  B 2 5  ? -4.284  -0.286  6.040   1.00 0.00 ? 16 DC  B "C1'"  1 
ATOM   502 N N1     . DC  B 2 5  ? -3.530  -0.954  4.983   1.00 0.00 ? 16 DC  B N1     1 
ATOM   503 C C2     . DC  B 2 5  ? -2.162  -0.883  4.952   1.00 0.00 ? 16 DC  B C2     1 
ATOM   504 O O2     . DC  B 2 5  ? -1.548  -0.234  5.842   1.00 0.00 ? 16 DC  B O2     1 
ATOM   505 N N3     . DC  B 2 5  ? -1.457  -1.472  4.017   1.00 0.00 ? 16 DC  B N3     1 
ATOM   506 C C4     . DC  B 2 5  ? -2.111  -2.179  3.044   1.00 0.00 ? 16 DC  B C4     1 
ATOM   507 N N4     . DC  B 2 5  ? -1.370  -2.765  2.108   1.00 0.00 ? 16 DC  B N4     1 
ATOM   508 C C5     . DC  B 2 5  ? -3.538  -2.285  3.030   1.00 0.00 ? 16 DC  B C5     1 
ATOM   509 C C6     . DC  B 2 5  ? -4.196  -1.652  4.025   1.00 0.00 ? 16 DC  B C6     1 
ATOM   510 H "H5'"  . DC  B 2 5  ? -7.056  -2.781  7.101   1.00 0.00 ? 16 DC  B "H5'"  1 
ATOM   511 H "H5''" . DC  B 2 5  ? -8.200  -1.616  7.064   1.00 0.00 ? 16 DC  B "H5''" 1 
ATOM   512 H "H4'"  . DC  B 2 5  ? -6.351  -0.756  8.193   1.00 0.00 ? 16 DC  B "H4'"  1 
ATOM   513 H "H3'"  . DC  B 2 5  ? -7.342  0.682   6.305   1.00 0.00 ? 16 DC  B "H3'"  1 
ATOM   514 H "H2'"  . DC  B 2 5  ? -5.766  0.315   4.636   1.00 0.00 ? 16 DC  B "H2'"  1 
ATOM   515 H "H2''" . DC  B 2 5  ? -5.075  1.584   5.395   1.00 0.00 ? 16 DC  B "H2''" 1 
ATOM   516 H "H1'"  . DC  B 2 5  ? -3.667  0.229   6.634   1.00 0.00 ? 16 DC  B "H1'"  1 
ATOM   517 H H41    . DC  B 2 5  ? -1.809  -3.291  1.380   1.00 0.00 ? 16 DC  B H41    1 
ATOM   518 H H42    . DC  B 2 5  ? -0.374  -2.680  2.133   1.00 0.00 ? 16 DC  B H42    1 
ATOM   519 H H5     . DC  B 2 5  ? -4.022  -2.800  2.323   1.00 0.00 ? 16 DC  B H5     1 
ATOM   520 H H6     . DC  B 2 5  ? -5.194  -1.699  4.058   1.00 0.00 ? 16 DC  B H6     1 
ATOM   521 P P      . DA  B 2 6  ? -6.029  3.047   7.324   1.00 0.00 ? 17 DA  B P      1 
ATOM   522 O OP1    . DA  B 2 6  ? -6.560  3.782   8.493   1.00 0.00 ? 17 DA  B OP1    1 
ATOM   523 O OP2    . DA  B 2 6  ? -6.865  3.339   6.139   1.00 0.00 ? 17 DA  B OP2    1 
ATOM   524 O "O5'"  . DA  B 2 6  ? -4.468  3.297   7.076   1.00 0.00 ? 17 DA  B "O5'"  1 
ATOM   525 C "C5'"  . DA  B 2 6  ? -3.497  3.030   8.104   1.00 0.00 ? 17 DA  B "C5'"  1 
ATOM   526 C "C4'"  . DA  B 2 6  ? -2.137  3.528   7.673   1.00 0.00 ? 17 DA  B "C4'"  1 
ATOM   527 O "O4'"  . DA  B 2 6  ? -1.593  2.638   6.657   1.00 0.00 ? 17 DA  B "O4'"  1 
ATOM   528 C "C3'"  . DA  B 2 6  ? -2.109  4.900   7.007   1.00 0.00 ? 17 DA  B "C3'"  1 
ATOM   529 O "O3'"  . DA  B 2 6  ? -0.990  5.619   7.534   1.00 0.00 ? 17 DA  B "O3'"  1 
ATOM   530 C "C2'"  . DA  B 2 6  ? -1.866  4.682   5.519   1.00 0.00 ? 17 DA  B "C2'"  1 
ATOM   531 C "C1'"  . DA  B 2 6  ? -1.107  3.365   5.537   1.00 0.00 ? 17 DA  B "C1'"  1 
ATOM   532 N N9     . DA  B 2 6  ? -1.351  2.558   4.346   1.00 0.00 ? 17 DA  B N9     1 
ATOM   533 C C8     . DA  B 2 6  ? -2.523  2.025   3.908   1.00 0.00 ? 17 DA  B C8     1 
ATOM   534 N N7     . DA  B 2 6  ? -2.394  1.338   2.777   1.00 0.00 ? 17 DA  B N7     1 
ATOM   535 C C5     . DA  B 2 6  ? -1.052  1.441   2.474   1.00 0.00 ? 17 DA  B C5     1 
ATOM   536 C C6     . DA  B 2 6  ? -0.282  0.936   1.407   1.00 0.00 ? 17 DA  B C6     1 
ATOM   537 N N6     . DA  B 2 6  ? -0.788  0.202   0.421   1.00 0.00 ? 17 DA  B N6     1 
ATOM   538 N N1     . DA  B 2 6  ? 1.046   1.228   1.409   1.00 0.00 ? 17 DA  B N1     1 
ATOM   539 C C2     . DA  B 2 6  ? 1.550   1.987   2.433   1.00 0.00 ? 17 DA  B C2     1 
ATOM   540 N N3     . DA  B 2 6  ? 0.931   2.497   3.456   1.00 0.00 ? 17 DA  B N3     1 
ATOM   541 C C4     . DA  B 2 6  ? -0.383  2.188   3.423   1.00 0.00 ? 17 DA  B C4     1 
ATOM   542 H "H5'"  . DA  B 2 6  ? -3.448  2.045   8.270   1.00 0.00 ? 17 DA  B "H5'"  1 
ATOM   543 H "H5''" . DA  B 2 6  ? -3.764  3.496   8.947   1.00 0.00 ? 17 DA  B "H5''" 1 
ATOM   544 H "H4'"  . DA  B 2 6  ? -1.538  3.593   8.470   1.00 0.00 ? 17 DA  B "H4'"  1 
ATOM   545 H "H3'"  . DA  B 2 6  ? -2.960  5.386   7.209   1.00 0.00 ? 17 DA  B "H3'"  1 
ATOM   546 H "H2'"  . DA  B 2 6  ? -2.744  4.629   5.041   1.00 0.00 ? 17 DA  B "H2'"  1 
ATOM   547 H "H2''" . DA  B 2 6  ? -1.333  5.443   5.151   1.00 0.00 ? 17 DA  B "H2''" 1 
ATOM   548 H "H1'"  . DA  B 2 6  ? -0.128  3.534   5.649   1.00 0.00 ? 17 DA  B "H1'"  1 
ATOM   549 H H8     . DA  B 2 6  ? -3.392  2.137   4.390   1.00 0.00 ? 17 DA  B H8     1 
ATOM   550 H H61    . DA  B 2 6  ? -1.763  -0.019  0.411   1.00 0.00 ? 17 DA  B H61    1 
ATOM   551 H H62    . DA  B 2 6  ? -0.193  -0.130  -0.310  1.00 0.00 ? 17 DA  B H62    1 
ATOM   552 H H2     . DA  B 2 6  ? 2.531   2.174   2.388   1.00 0.00 ? 17 DA  B H2     1 
ATOM   553 P P      . DT  B 2 7  ? -0.704  7.134   7.110   1.00 0.00 ? 18 DT  B P      1 
ATOM   554 O OP1    . DT  B 2 7  ? -0.306  7.916   8.302   1.00 0.00 ? 18 DT  B OP1    1 
ATOM   555 O OP2    . DT  B 2 7  ? -1.926  7.727   6.521   1.00 0.00 ? 18 DT  B OP2    1 
ATOM   556 O "O5'"  . DT  B 2 7  ? 0.481   6.948   6.051   1.00 0.00 ? 18 DT  B "O5'"  1 
ATOM   557 C "C5'"  . DT  B 2 7  ? 1.751   6.393   6.444   1.00 0.00 ? 18 DT  B "C5'"  1 
ATOM   558 C "C4'"  . DT  B 2 7  ? 2.710   6.423   5.278   1.00 0.00 ? 18 DT  B "C4'"  1 
ATOM   559 O "O4'"  . DT  B 2 7  ? 2.286   5.456   4.275   1.00 0.00 ? 18 DT  B "O4'"  1 
ATOM   560 C "C3'"  . DT  B 2 7  ? 2.788   7.740   4.510   1.00 0.00 ? 18 DT  B "C3'"  1 
ATOM   561 O "O3'"  . DT  B 2 7  ? 4.170   8.051   4.313   1.00 0.00 ? 18 DT  B "O3'"  1 
ATOM   562 C "C2'"  . DT  B 2 7  ? 2.160   7.513   3.141   1.00 0.00 ? 18 DT  B "C2'"  1 
ATOM   563 C "C1'"  . DT  B 2 7  ? 2.336   6.013   2.969   1.00 0.00 ? 18 DT  B "C1'"  1 
ATOM   564 N N1     . DT  B 2 7  ? 1.264   5.407   2.186   1.00 0.00 ? 18 DT  B N1     1 
ATOM   565 C C2     . DT  B 2 7  ? 1.594   4.697   1.048   1.00 0.00 ? 18 DT  B C2     1 
ATOM   566 O O2     . DT  B 2 7  ? 2.738   4.546   0.653   1.00 0.00 ? 18 DT  B O2     1 
ATOM   567 N N3     . DT  B 2 7  ? 0.525   4.154   0.364   1.00 0.00 ? 18 DT  B N3     1 
ATOM   568 C C4     . DT  B 2 7  ? -0.805  4.263   0.717   1.00 0.00 ? 18 DT  B C4     1 
ATOM   569 O O4     . DT  B 2 7  ? -1.669  3.724   0.010   1.00 0.00 ? 18 DT  B O4     1 
ATOM   570 C C5     . DT  B 2 7  ? -1.072  5.009   1.906   1.00 0.00 ? 18 DT  B C5     1 
ATOM   571 C C7     . DT  B 2 7  ? -2.499  5.162   2.343   1.00 0.00 ? 18 DT  B C7     1 
ATOM   572 C C6     . DT  B 2 7  ? -0.038  5.539   2.576   1.00 0.00 ? 18 DT  B C6     1 
ATOM   573 H "H5'"  . DT  B 2 7  ? 1.625   5.447   6.741   1.00 0.00 ? 18 DT  B "H5'"  1 
ATOM   574 H "H5''" . DT  B 2 7  ? 2.132   6.931   7.196   1.00 0.00 ? 18 DT  B "H5''" 1 
ATOM   575 H "H4'"  . DT  B 2 7  ? 3.637   6.236   5.603   1.00 0.00 ? 18 DT  B "H4'"  1 
ATOM   576 H "H3'"  . DT  B 2 7  ? 2.342   8.461   5.041   1.00 0.00 ? 18 DT  B "H3'"  1 
ATOM   577 H "H2'"  . DT  B 2 7  ? 1.201   7.798   3.161   1.00 0.00 ? 18 DT  B "H2'"  1 
ATOM   578 H "H2''" . DT  B 2 7  ? 2.651   8.050   2.454   1.00 0.00 ? 18 DT  B "H2''" 1 
ATOM   579 H "H1'"  . DT  B 2 7  ? 3.224   5.814   2.556   1.00 0.00 ? 18 DT  B "H1'"  1 
ATOM   580 H H3     . DT  B 2 7  ? 0.733   3.636   -0.465  1.00 0.00 ? 18 DT  B H3     1 
ATOM   581 H H71    . DT  B 2 7  ? -2.582  5.937   2.969   1.00 0.00 ? 18 DT  B H71    1 
ATOM   582 H H72    . DT  B 2 7  ? -3.081  5.321   1.546   1.00 0.00 ? 18 DT  B H72    1 
ATOM   583 H H73    . DT  B 2 7  ? -2.801  4.331   2.810   1.00 0.00 ? 18 DT  B H73    1 
ATOM   584 H H6     . DT  B 2 7  ? -0.223  6.063   3.407   1.00 0.00 ? 18 DT  B H6     1 
ATOM   585 P P      . DA  B 2 8  ? 4.620   9.365   3.520   1.00 0.00 ? 19 DA  B P      1 
ATOM   586 O OP1    . DA  B 2 8  ? 5.806   9.960   4.178   1.00 0.00 ? 19 DA  B OP1    1 
ATOM   587 O OP2    . DA  B 2 8  ? 3.514   10.348  3.519   1.00 0.00 ? 19 DA  B OP2    1 
ATOM   588 O "O5'"  . DA  B 2 8  ? 4.935   8.766   2.071   1.00 0.00 ? 19 DA  B "O5'"  1 
ATOM   589 C "C5'"  . DA  B 2 8  ? 6.071   7.910   1.848   1.00 0.00 ? 19 DA  B "C5'"  1 
ATOM   590 C "C4'"  . DA  B 2 8  ? 6.284   7.708   0.366   1.00 0.00 ? 19 DA  B "C4'"  1 
ATOM   591 O "O4'"  . DA  B 2 8  ? 5.198   6.908   -0.179  1.00 0.00 ? 19 DA  B "O4'"  1 
ATOM   592 C "C3'"  . DA  B 2 8  ? 6.265   8.971   -0.490  1.00 0.00 ? 19 DA  B "C3'"  1 
ATOM   593 O "O3'"  . DA  B 2 8  ? 7.285   8.844   -1.484  1.00 0.00 ? 19 DA  B "O3'"  1 
ATOM   594 C "C2'"  . DA  B 2 8  ? 4.917   9.011   -1.203  1.00 0.00 ? 19 DA  B "C2'"  1 
ATOM   595 C "C1'"  . DA  B 2 8  ? 4.611   7.527   -1.314  1.00 0.00 ? 19 DA  B "C1'"  1 
ATOM   596 N N9     . DA  B 2 8  ? 3.180   7.245   -1.281  1.00 0.00 ? 19 DA  B N9     1 
ATOM   597 C C8     . DA  B 2 8  ? 2.261   7.631   -0.355  1.00 0.00 ? 19 DA  B C8     1 
ATOM   598 N N7     . DA  B 2 8  ? 1.032   7.202   -0.627  1.00 0.00 ? 19 DA  B N7     1 
ATOM   599 C C5     . DA  B 2 8  ? 1.179   6.496   -1.805  1.00 0.00 ? 19 DA  B C5     1 
ATOM   600 C C6     . DA  B 2 8  ? 0.256   5.800   -2.610  1.00 0.00 ? 19 DA  B C6     1 
ATOM   601 N N6     . DA  B 2 8  ? -1.040  5.704   -2.326  1.00 0.00 ? 19 DA  B N6     1 
ATOM   602 N N1     . DA  B 2 8  ? 0.740   5.201   -3.731  1.00 0.00 ? 19 DA  B N1     1 
ATOM   603 C C2     . DA  B 2 8  ? 2.077   5.311   -4.007  1.00 0.00 ? 19 DA  B C2     1 
ATOM   604 N N3     . DA  B 2 8  ? 3.006   5.924   -3.337  1.00 0.00 ? 19 DA  B N3     1 
ATOM   605 C C4     . DA  B 2 8  ? 2.491   6.506   -2.232  1.00 0.00 ? 19 DA  B C4     1 
ATOM   606 H "H5'"  . DA  B 2 8  ? 5.910   7.022   2.279   1.00 0.00 ? 19 DA  B "H5'"  1 
ATOM   607 H "H5''" . DA  B 2 8  ? 6.888   8.328   2.243   1.00 0.00 ? 19 DA  B "H5''" 1 
ATOM   608 H "H4'"  . DA  B 2 8  ? 7.176   7.283   0.212   1.00 0.00 ? 19 DA  B "H4'"  1 
ATOM   609 H "H3'"  . DA  B 2 8  ? 6.441   9.768   0.087   1.00 0.00 ? 19 DA  B "H3'"  1 
ATOM   610 H "H2'"  . DA  B 2 8  ? 4.259   9.517   -0.644  1.00 0.00 ? 19 DA  B "H2'"  1 
ATOM   611 H "H2''" . DA  B 2 8  ? 5.022   9.466   -2.087  1.00 0.00 ? 19 DA  B "H2''" 1 
ATOM   612 H "H1'"  . DA  B 2 8  ? 5.021   7.154   -2.147  1.00 0.00 ? 19 DA  B "H1'"  1 
ATOM   613 H H8     . DA  B 2 8  ? 2.487   8.181   0.449   1.00 0.00 ? 19 DA  B H8     1 
ATOM   614 H H61    . DA  B 2 8  ? -1.405  6.140   -1.503  1.00 0.00 ? 19 DA  B H61    1 
ATOM   615 H H62    . DA  B 2 8  ? -1.649  5.195   -2.934  1.00 0.00 ? 19 DA  B H62    1 
ATOM   616 H H2     . DA  B 2 8  ? 2.382   4.852   -4.843  1.00 0.00 ? 19 DA  B H2     1 
ATOM   617 P P      . DT  B 2 9  ? 7.500   9.968   -2.602  1.00 0.00 ? 20 DT  B P      1 
ATOM   618 O OP1    . DT  B 2 9  ? 8.938   10.307  -2.695  1.00 0.00 ? 20 DT  B OP1    1 
ATOM   619 O OP2    . DT  B 2 9  ? 6.733   11.181  -2.242  1.00 0.00 ? 20 DT  B OP2    1 
ATOM   620 O "O5'"  . DT  B 2 9  ? 6.938   9.228   -3.905  1.00 0.00 ? 20 DT  B "O5'"  1 
ATOM   621 C "C5'"  . DT  B 2 9  ? 7.528   8.004   -4.380  1.00 0.00 ? 20 DT  B "C5'"  1 
ATOM   622 C "C4'"  . DT  B 2 9  ? 6.874   7.585   -5.675  1.00 0.00 ? 20 DT  B "C4'"  1 
ATOM   623 O "O4'"  . DT  B 2 9  ? 5.486   7.224   -5.426  1.00 0.00 ? 20 DT  B "O4'"  1 
ATOM   624 C "C3'"  . DT  B 2 9  ? 6.782   8.657   -6.756  1.00 0.00 ? 20 DT  B "C3'"  1 
ATOM   625 O "O3'"  . DT  B 2 9  ? 7.112   8.048   -8.007  1.00 0.00 ? 20 DT  B "O3'"  1 
ATOM   626 C "C2'"  . DT  B 2 9  ? 5.329   9.114   -6.824  1.00 0.00 ? 20 DT  B "C2'"  1 
ATOM   627 C "C1'"  . DT  B 2 9  ? 4.612   7.862   -6.345  1.00 0.00 ? 20 DT  B "C1'"  1 
ATOM   628 N N1     . DT  B 2 9  ? 3.369   8.163   -5.638  1.00 0.00 ? 20 DT  B N1     1 
ATOM   629 C C2     . DT  B 2 9  ? 2.197   7.583   -6.078  1.00 0.00 ? 20 DT  B C2     1 
ATOM   630 O O2     . DT  B 2 9  ? 2.135   6.825   -7.033  1.00 0.00 ? 20 DT  B O2     1 
ATOM   631 N N3     . DT  B 2 9  ? 1.070   7.919   -5.359  1.00 0.00 ? 20 DT  B N3     1 
ATOM   632 C C4     . DT  B 2 9  ? 1.024   8.762   -4.266  1.00 0.00 ? 20 DT  B C4     1 
ATOM   633 O O4     . DT  B 2 9  ? -0.063  8.978   -3.707  1.00 0.00 ? 20 DT  B O4     1 
ATOM   634 C C5     . DT  B 2 9  ? 2.275   9.325   -3.866  1.00 0.00 ? 20 DT  B C5     1 
ATOM   635 C C7     . DT  B 2 9  ? 2.288   10.251  -2.685  1.00 0.00 ? 20 DT  B C7     1 
ATOM   636 C C6     . DT  B 2 9  ? 3.373   9.004   -4.562  1.00 0.00 ? 20 DT  B C6     1 
ATOM   637 H "H5'"  . DT  B 2 9  ? 7.398   7.284   -3.697  1.00 0.00 ? 20 DT  B "H5'"  1 
ATOM   638 H "H5''" . DT  B 2 9  ? 8.506   8.143   -4.536  1.00 0.00 ? 20 DT  B "H5''" 1 
ATOM   639 H "H4'"  . DT  B 2 9  ? 7.390   6.827   -6.079  1.00 0.00 ? 20 DT  B "H4'"  1 
ATOM   640 H "H3'"  . DT  B 2 9  ? 7.426   9.394   -6.549  1.00 0.00 ? 20 DT  B "H3'"  1 
ATOM   641 H "H2'"  . DT  B 2 9  ? 5.199   9.903   -6.225  1.00 0.00 ? 20 DT  B "H2'"  1 
ATOM   642 H "H2''" . DT  B 2 9  ? 5.103   9.367   -7.764  1.00 0.00 ? 20 DT  B "H2''" 1 
ATOM   643 H "H1'"  . DT  B 2 9  ? 4.433   7.251   -7.115  1.00 0.00 ? 20 DT  B "H1'"  1 
ATOM   644 H H3     . DT  B 2 9  ? 0.204   7.513   -5.653  1.00 0.00 ? 20 DT  B H3     1 
ATOM   645 H H71    . DT  B 2 9  ? 3.087   10.851  -2.734  1.00 0.00 ? 20 DT  B H71    1 
ATOM   646 H H72    . DT  B 2 9  ? 1.459   10.809  -2.681  1.00 0.00 ? 20 DT  B H72    1 
ATOM   647 H H73    . DT  B 2 9  ? 2.331   9.718   -1.838  1.00 0.00 ? 20 DT  B H73    1 
ATOM   648 H H6     . DT  B 2 9  ? 4.249   9.398   -4.282  1.00 0.00 ? 20 DT  B H6     1 
ATOM   649 P P      . DG  B 2 10 ? 7.032   8.870   -9.377  1.00 0.00 ? 21 DG  B P      1 
ATOM   650 O OP1    . DG  B 2 10 ? 8.179   8.511   -10.239 1.00 0.00 ? 21 DG  B OP1    1 
ATOM   651 O OP2    . DG  B 2 10 ? 7.070   10.321  -9.088  1.00 0.00 ? 21 DG  B OP2    1 
ATOM   652 O "O5'"  . DG  B 2 10 ? 5.624   8.378   -9.960  1.00 0.00 ? 21 DG  B "O5'"  1 
ATOM   653 C "C5'"  . DG  B 2 10 ? 5.386   6.989   -10.259 1.00 0.00 ? 21 DG  B "C5'"  1 
ATOM   654 C "C4'"  . DG  B 2 10 ? 4.120   6.847   -11.070 1.00 0.00 ? 21 DG  B "C4'"  1 
ATOM   655 O "O4'"  . DG  B 2 10 ? 2.962   7.017   -10.205 1.00 0.00 ? 21 DG  B "O4'"  1 
ATOM   656 C "C3'"  . DG  B 2 10 ? 3.903   7.890   -12.161 1.00 0.00 ? 21 DG  B "C3'"  1 
ATOM   657 O "O3'"  . DG  B 2 10 ? 3.293   7.238   -13.280 1.00 0.00 ? 21 DG  B "O3'"  1 
ATOM   658 C "C2'"  . DG  B 2 10 ? 2.912   8.908   -11.613 1.00 0.00 ? 21 DG  B "C2'"  1 
ATOM   659 C "C1'"  . DG  B 2 10 ? 2.088   8.024   -10.691 1.00 0.00 ? 21 DG  B "C1'"  1 
ATOM   660 N N9     . DG  B 2 10 ? 1.566   8.750   -9.537  1.00 0.00 ? 21 DG  B N9     1 
ATOM   661 C C8     . DG  B 2 10 ? 2.258   9.485   -8.670  1.00 0.00 ? 21 DG  B C8     1 
ATOM   662 N N7     . DG  B 2 10 ? 1.442   9.993   -7.752  1.00 0.00 ? 21 DG  B N7     1 
ATOM   663 C C5     . DG  B 2 10 ? 0.161   9.569   -8.037  1.00 0.00 ? 21 DG  B C5     1 
ATOM   664 C C6     . DG  B 2 10 ? -1.102  9.785   -7.423  1.00 0.00 ? 21 DG  B C6     1 
ATOM   665 O O6     . DG  B 2 10 ? -1.369  10.447  -6.422  1.00 0.00 ? 21 DG  B O6     1 
ATOM   666 N N1     . DG  B 2 10 ? -2.108  9.119   -8.116  1.00 0.00 ? 21 DG  B N1     1 
ATOM   667 C C2     . DG  B 2 10 ? -1.932  8.359   -9.231  1.00 0.00 ? 21 DG  B C2     1 
ATOM   668 N N2     . DG  B 2 10 ? -3.042  7.808   -9.740  1.00 0.00 ? 21 DG  B N2     1 
ATOM   669 N N3     . DG  B 2 10 ? -0.755  8.164   -9.796  1.00 0.00 ? 21 DG  B N3     1 
ATOM   670 C C4     . DG  B 2 10 ? 0.238   8.788   -9.160  1.00 0.00 ? 21 DG  B C4     1 
ATOM   671 H "H5'"  . DG  B 2 10 ? 5.289   6.477   -9.406  1.00 0.00 ? 21 DG  B "H5'"  1 
ATOM   672 H "H5''" . DG  B 2 10 ? 6.155   6.623   -10.782 1.00 0.00 ? 21 DG  B "H5''" 1 
ATOM   673 H "H4'"  . DG  B 2 10 ? 4.118   5.960   -11.531 1.00 0.00 ? 21 DG  B "H4'"  1 
ATOM   674 H "H3'"  . DG  B 2 10 ? 4.783   8.281   -12.429 1.00 0.00 ? 21 DG  B "H3'"  1 
ATOM   675 H "H2'"  . DG  B 2 10 ? 3.407   9.634   -11.137 1.00 0.00 ? 21 DG  B "H2'"  1 
ATOM   676 H "H2''" . DG  B 2 10 ? 2.386   9.303   -12.367 1.00 0.00 ? 21 DG  B "H2''" 1 
ATOM   677 H "H1'"  . DG  B 2 10 ? 1.341   7.599   -11.202 1.00 0.00 ? 21 DG  B "H1'"  1 
ATOM   678 H H8     . DG  B 2 10 ? 3.246   9.632   -8.705  1.00 0.00 ? 21 DG  B H8     1 
ATOM   679 H H1     . DG  B 2 10 ? -3.039  9.206   -7.764  1.00 0.00 ? 21 DG  B H1     1 
ATOM   680 H H21    . DG  B 2 10 ? -2.984  7.236   -10.559 1.00 0.00 ? 21 DG  B H21    1 
ATOM   681 H H22    . DG  B 2 10 ? -3.925  7.965   -9.301  1.00 0.00 ? 21 DG  B H22    1 
ATOM   682 P P      . DG  B 2 11 ? 2.902   8.047   -14.602 1.00 0.00 ? 22 DG  B P      1 
ATOM   683 O OP1    . DG  B 2 11 ? 3.237   7.240   -15.797 1.00 0.00 ? 22 DG  B OP1    1 
ATOM   684 O OP2    . DG  B 2 11 ? 3.653   9.322   -14.644 1.00 0.00 ? 22 DG  B OP2    1 
ATOM   685 O "O5'"  . DG  B 2 11 ? 1.328   8.249   -14.396 1.00 0.00 ? 22 DG  B "O5'"  1 
ATOM   686 C "C5'"  . DG  B 2 11 ? 0.438   7.120   -14.298 1.00 0.00 ? 22 DG  B "C5'"  1 
ATOM   687 C "C4'"  . DG  B 2 11 ? -0.993  7.574   -14.459 1.00 0.00 ? 22 DG  B "C4'"  1 
ATOM   688 O "O4'"  . DG  B 2 11 ? -1.457  8.178   -13.220 1.00 0.00 ? 22 DG  B "O4'"  1 
ATOM   689 C "C3'"  . DG  B 2 11 ? -1.237  8.663   -15.498 1.00 0.00 ? 22 DG  B "C3'"  1 
ATOM   690 O "O3'"  . DG  B 2 11 ? -2.489  8.395   -16.134 1.00 0.00 ? 22 DG  B "O3'"  1 
ATOM   691 C "C2'"  . DG  B 2 11 ? -1.365  9.980   -14.739 1.00 0.00 ? 22 DG  B "C2'"  1 
ATOM   692 C "C1'"  . DG  B 2 11 ? -1.964  9.487   -13.431 1.00 0.00 ? 22 DG  B "C1'"  1 
ATOM   693 N N9     . DG  B 2 11 ? -1.565  10.306  -12.290 1.00 0.00 ? 22 DG  B N9     1 
ATOM   694 C C8     . DG  B 2 11 ? -0.350  10.778  -12.026 1.00 0.00 ? 22 DG  B C8     1 
ATOM   695 N N7     . DG  B 2 11 ? -0.371  11.482  -10.898 1.00 0.00 ? 22 DG  B N7     1 
ATOM   696 C C5     . DG  B 2 11 ? -1.662  11.467  -10.408 1.00 0.00 ? 22 DG  B C5     1 
ATOM   697 C C6     . DG  B 2 11 ? -2.281  12.032  -9.263  1.00 0.00 ? 22 DG  B C6     1 
ATOM   698 O O6     . DG  B 2 11 ? -1.778  12.718  -8.375  1.00 0.00 ? 22 DG  B O6     1 
ATOM   699 N N1     . DG  B 2 11 ? -3.635  11.715  -9.228  1.00 0.00 ? 22 DG  B N1     1 
ATOM   700 C C2     . DG  B 2 11 ? -4.298  10.968  -10.151 1.00 0.00 ? 22 DG  B C2     1 
ATOM   701 N N2     . DG  B 2 11 ? -5.605  10.784  -9.921  1.00 0.00 ? 22 DG  B N2     1 
ATOM   702 N N3     . DG  B 2 11 ? -3.715  10.445  -11.214 1.00 0.00 ? 22 DG  B N3     1 
ATOM   703 C C4     . DG  B 2 11 ? -2.413  10.727  -11.284 1.00 0.00 ? 22 DG  B C4     1 
ATOM   704 H "H5'"  . DG  B 2 11 ? 0.546   6.687   -13.403 1.00 0.00 ? 22 DG  B "H5'"  1 
ATOM   705 H "H5''" . DG  B 2 11 ? 0.657   6.459   -15.016 1.00 0.00 ? 22 DG  B "H5''" 1 
ATOM   706 H "H4'"  . DG  B 2 11 ? -1.561  6.798   -14.734 1.00 0.00 ? 22 DG  B "H4'"  1 
ATOM   707 H "H3'"  . DG  B 2 11 ? -0.498  8.653   -16.172 1.00 0.00 ? 22 DG  B "H3'"  1 
ATOM   708 H "HO3'" . DG  B 2 11 ? -2.529  9.032   -16.904 1.00 0.00 ? 22 DG  B "HO3'" 1 
ATOM   709 H "H2'"  . DG  B 2 11 ? -0.462  10.396  -14.638 1.00 0.00 ? 22 DG  B "H2'"  1 
ATOM   710 H "H2''" . DG  B 2 11 ? -1.963  10.601  -15.247 1.00 0.00 ? 22 DG  B "H2''" 1 
ATOM   711 H "H1'"  . DG  B 2 11 ? -2.960  9.452   -13.504 1.00 0.00 ? 22 DG  B "H1'"  1 
ATOM   712 H H8     . DG  B 2 11 ? 0.460   10.624  -12.592 1.00 0.00 ? 22 DG  B H8     1 
ATOM   713 H H1     . DG  B 2 11 ? -4.166  12.066  -8.458  1.00 0.00 ? 22 DG  B H1     1 
ATOM   714 H H21    . DG  B 2 11 ? -6.153  10.244  -10.561 1.00 0.00 ? 22 DG  B H21    1 
ATOM   715 H H22    . DG  B 2 11 ? -6.033  11.186  -9.113  1.00 0.00 ? 22 DG  B H22    1 
# 
